data_4ZTL
#
_entry.id   4ZTL
#
_cell.length_a   145.180
_cell.length_b   139.390
_cell.length_c   87.980
_cell.angle_alpha   90.000
_cell.angle_beta   125.930
_cell.angle_gamma   90.000
#
_symmetry.space_group_name_H-M   'C 1 2 1'
#
loop_
_entity.id
_entity.type
_entity.pdbx_description
1 polymer 'Interleukin-1 receptor-associated kinase 4'
2 non-polymer (1R,2S,3R,5R)-3-{[5-(1,3-benzothiazol-2-yl)-2-(propylamino)pyrimidin-4-yl]amino}-5-(hydroxymethyl)cyclopentane-1,2-diol
3 water water
#
_entity_poly.entity_id   1
_entity_poly.type   'polypeptide(L)'
_entity_poly.pdbx_seq_one_letter_code
;VSDTRFHSFSFYELKNVTNNFDERPISVGGNKMGEGGFGVVYKGYVNNTTVAVKKLAAMVDITTEELKQQFDQEIKVMAK
CQHENLVELLGFSSDGDDLCLVYVYMPNGSLLDRLSCLDGTPPLSWHMRCKIAQGAANGINFLHENHHIHRDIKSANILL
DEAFTAKISDFGLARASEKFAQ(TPO)VM(TPO)(SEP)RIVGTTAYMAPEALRGEITPKSDIYSFGVVLLEIITGLPAV
DEHREPQLLLDIKEEIEDEEKTIEDYIDKKMNDADSTSVEAMYSVASQCLHEKKNKRPDIKKVQQLLQEMTAS
;
_entity_poly.pdbx_strand_id   A,B,C,D
#
loop_
_chem_comp.id
_chem_comp.type
_chem_comp.name
_chem_comp.formula
4S1 non-polymer (1R,2S,3R,5R)-3-{[5-(1,3-benzothiazol-2-yl)-2-(propylamino)pyrimidin-4-yl]amino}-5-(hydroxymethyl)cyclopentane-1,2-diol 'C20 H25 N5 O3 S'
#
# COMPACT_ATOMS: atom_id res chain seq x y z
N PHE A 6 6.02 42.44 15.72
CA PHE A 6 6.51 41.34 14.88
C PHE A 6 7.75 41.74 14.08
N HIS A 7 8.56 40.74 13.69
CA HIS A 7 9.77 40.83 12.87
C HIS A 7 9.59 41.72 11.63
N SER A 8 10.56 42.58 11.31
CA SER A 8 10.44 43.39 10.11
C SER A 8 11.41 42.85 9.07
N PHE A 9 10.85 42.26 8.00
CA PHE A 9 11.63 41.69 6.92
C PHE A 9 11.78 42.66 5.78
N SER A 10 12.84 42.46 5.00
CA SER A 10 13.12 43.22 3.79
C SER A 10 12.31 42.53 2.67
N PHE A 11 11.80 43.33 1.74
CA PHE A 11 11.02 42.85 0.58
C PHE A 11 11.84 41.93 -0.29
N TYR A 12 13.16 42.22 -0.39
CA TYR A 12 14.13 41.45 -1.16
C TYR A 12 14.56 40.18 -0.45
N GLU A 13 14.46 40.14 0.89
CA GLU A 13 14.75 38.96 1.70
C GLU A 13 13.66 37.93 1.43
N LEU A 14 12.39 38.40 1.34
CA LEU A 14 11.24 37.56 1.04
C LEU A 14 11.20 37.18 -0.44
N LYS A 15 11.56 38.14 -1.33
CA LYS A 15 11.65 37.94 -2.79
C LYS A 15 12.67 36.84 -3.12
N ASN A 16 13.77 36.77 -2.34
CA ASN A 16 14.83 35.77 -2.50
C ASN A 16 14.37 34.38 -2.04
N VAL A 17 13.72 34.28 -0.87
CA VAL A 17 13.24 33.02 -0.31
C VAL A 17 12.02 32.41 -1.05
N THR A 18 11.29 33.25 -1.81
CA THR A 18 10.12 32.86 -2.61
C THR A 18 10.42 32.79 -4.12
N ASN A 19 11.72 32.89 -4.51
CA ASN A 19 12.25 32.83 -5.88
C ASN A 19 11.56 33.84 -6.83
N ASN A 20 11.70 35.15 -6.49
CA ASN A 20 11.13 36.30 -7.19
C ASN A 20 9.59 36.20 -7.35
N PHE A 21 8.93 35.64 -6.31
CA PHE A 21 7.48 35.42 -6.21
C PHE A 21 6.93 34.57 -7.38
N ASP A 22 7.32 33.28 -7.39
CA ASP A 22 6.94 32.27 -8.39
C ASP A 22 5.45 31.95 -8.27
N GLU A 23 4.69 32.09 -9.39
CA GLU A 23 3.25 31.84 -9.45
C GLU A 23 2.86 30.41 -9.93
N ARG A 24 3.79 29.46 -9.75
CA ARG A 24 3.64 28.05 -10.12
C ARG A 24 3.43 27.15 -8.87
N PRO A 25 2.76 25.98 -9.01
CA PRO A 25 2.53 25.11 -7.86
C PRO A 25 3.79 24.37 -7.37
N ILE A 26 3.79 23.97 -6.09
CA ILE A 26 4.89 23.26 -5.40
C ILE A 26 5.19 21.91 -6.09
N SER A 27 4.13 21.23 -6.59
CA SER A 27 4.20 19.94 -7.28
C SER A 27 5.05 19.97 -8.57
N VAL A 28 5.01 21.08 -9.34
CA VAL A 28 5.80 21.23 -10.57
C VAL A 28 7.24 21.69 -10.29
N GLY A 29 7.40 22.83 -9.58
CA GLY A 29 8.69 23.41 -9.21
C GLY A 29 8.59 24.93 -8.99
N GLY A 30 7.45 25.39 -8.44
CA GLY A 30 7.19 26.81 -8.16
C GLY A 30 7.17 27.11 -6.66
N ASN A 31 6.57 28.26 -6.29
CA ASN A 31 6.47 28.72 -4.90
C ASN A 31 5.05 29.06 -4.44
N LYS A 32 4.11 29.32 -5.39
CA LYS A 32 2.71 29.67 -5.11
C LYS A 32 1.97 28.57 -4.33
N MET A 33 1.21 28.99 -3.30
CA MET A 33 0.42 28.12 -2.41
C MET A 33 -1.08 28.31 -2.60
N GLY A 34 -1.48 29.42 -3.25
CA GLY A 34 -2.87 29.75 -3.52
C GLY A 34 -3.14 31.26 -3.43
N GLU A 35 -4.42 31.63 -3.51
CA GLU A 35 -4.90 33.02 -3.46
C GLU A 35 -6.30 33.03 -2.83
N GLY A 36 -6.54 33.99 -1.94
CA GLY A 36 -7.83 34.12 -1.27
C GLY A 36 -8.17 35.58 -0.93
N GLY A 37 -7.99 35.95 0.36
CA GLY A 37 -8.30 37.27 0.93
C GLY A 37 -7.38 38.39 0.42
N PHE A 38 -7.52 38.72 -0.88
CA PHE A 38 -6.80 39.78 -1.61
C PHE A 38 -5.29 39.78 -1.36
N GLY A 39 -4.66 38.65 -1.70
CA GLY A 39 -3.23 38.39 -1.56
C GLY A 39 -2.93 36.99 -2.08
N VAL A 40 -1.68 36.76 -2.53
CA VAL A 40 -1.22 35.47 -3.04
C VAL A 40 -0.23 34.85 -2.05
N VAL A 41 -0.47 33.59 -1.64
CA VAL A 41 0.38 32.88 -0.69
C VAL A 41 1.55 32.24 -1.46
N TYR A 42 2.80 32.45 -0.98
CA TYR A 42 4.01 31.87 -1.54
C TYR A 42 4.79 31.12 -0.48
N LYS A 43 5.41 30.00 -0.85
CA LYS A 43 6.22 29.16 0.05
C LYS A 43 7.66 29.68 0.04
N GLY A 44 8.24 29.88 1.24
CA GLY A 44 9.60 30.38 1.42
C GLY A 44 10.32 29.68 2.57
N TYR A 45 11.60 30.02 2.76
CA TYR A 45 12.44 29.47 3.84
C TYR A 45 13.33 30.55 4.45
N VAL A 46 12.98 31.02 5.65
CA VAL A 46 13.71 32.07 6.36
C VAL A 46 13.96 31.72 7.84
N ASN A 47 15.17 32.07 8.36
CA ASN A 47 15.63 31.83 9.73
C ASN A 47 15.54 30.34 10.12
N ASN A 48 16.04 29.48 9.20
CA ASN A 48 16.08 28.01 9.29
C ASN A 48 14.68 27.33 9.36
N THR A 49 13.61 28.06 8.97
CA THR A 49 12.23 27.57 8.98
C THR A 49 11.44 27.88 7.71
N THR A 50 10.58 26.92 7.28
CA THR A 50 9.68 27.07 6.12
C THR A 50 8.59 28.04 6.53
N VAL A 51 8.25 28.99 5.66
CA VAL A 51 7.25 30.03 5.93
C VAL A 51 6.20 30.18 4.82
N ALA A 52 5.11 30.89 5.13
CA ALA A 52 4.04 31.21 4.19
C ALA A 52 4.13 32.72 4.02
N VAL A 53 4.24 33.20 2.76
CA VAL A 53 4.40 34.62 2.45
C VAL A 53 3.18 35.15 1.70
N LYS A 54 2.46 36.08 2.33
CA LYS A 54 1.27 36.67 1.73
C LYS A 54 1.59 38.01 1.11
N LYS A 55 1.86 38.03 -0.21
CA LYS A 55 2.15 39.26 -0.93
C LYS A 55 0.83 39.91 -1.32
N LEU A 56 0.60 41.12 -0.80
CA LEU A 56 -0.61 41.91 -1.02
C LEU A 56 -0.42 42.81 -2.27
N ALA A 57 -0.79 42.29 -3.45
CA ALA A 57 -0.66 42.96 -4.73
N THR A 63 -8.56 48.43 -5.30
CA THR A 63 -7.97 49.78 -5.31
C THR A 63 -6.58 49.75 -4.66
N THR A 64 -5.72 50.76 -4.98
CA THR A 64 -4.36 50.91 -4.45
C THR A 64 -4.34 51.15 -2.93
N GLU A 65 -5.34 51.90 -2.40
CA GLU A 65 -5.47 52.21 -0.97
C GLU A 65 -6.25 51.11 -0.23
N GLU A 66 -7.19 50.43 -0.92
CA GLU A 66 -8.01 49.32 -0.41
C GLU A 66 -7.13 48.09 -0.11
N LEU A 67 -6.09 47.89 -0.96
CA LEU A 67 -5.11 46.82 -0.87
C LEU A 67 -4.20 47.03 0.36
N LYS A 68 -3.93 48.31 0.72
CA LYS A 68 -3.12 48.72 1.87
C LYS A 68 -3.89 48.51 3.18
N GLN A 69 -5.22 48.74 3.17
CA GLN A 69 -6.10 48.57 4.34
C GLN A 69 -6.19 47.09 4.76
N GLN A 70 -6.09 46.17 3.78
CA GLN A 70 -6.11 44.70 3.95
C GLN A 70 -4.85 44.22 4.73
N PHE A 71 -3.73 44.99 4.63
CA PHE A 71 -2.44 44.75 5.26
C PHE A 71 -2.42 45.27 6.70
N ASP A 72 -2.86 46.54 6.91
CA ASP A 72 -2.92 47.20 8.22
C ASP A 72 -3.92 46.55 9.18
N GLN A 73 -4.99 45.95 8.64
CA GLN A 73 -6.02 45.24 9.43
C GLN A 73 -5.42 43.96 10.04
N GLU A 74 -4.83 43.08 9.18
CA GLU A 74 -4.22 41.81 9.58
C GLU A 74 -3.12 41.95 10.64
N ILE A 75 -2.32 43.05 10.59
CA ILE A 75 -1.27 43.30 11.58
C ILE A 75 -1.92 43.69 12.91
N LYS A 76 -2.85 44.66 12.88
CA LYS A 76 -3.57 45.17 14.06
C LYS A 76 -4.34 44.08 14.81
N VAL A 77 -5.03 43.19 14.05
CA VAL A 77 -5.81 42.09 14.61
C VAL A 77 -4.85 41.04 15.23
N MET A 78 -3.78 40.65 14.51
CA MET A 78 -2.79 39.68 14.99
C MET A 78 -1.89 40.19 16.11
N ALA A 79 -1.60 41.52 16.17
CA ALA A 79 -0.81 42.14 17.25
C ALA A 79 -1.50 41.84 18.58
N LYS A 80 -2.85 41.87 18.56
CA LYS A 80 -3.74 41.56 19.67
C LYS A 80 -3.96 40.03 19.74
N CYS A 81 -4.21 39.39 18.56
CA CYS A 81 -4.50 37.95 18.40
C CYS A 81 -3.31 36.97 18.38
N GLN A 82 -3.10 36.28 19.51
CA GLN A 82 -2.10 35.22 19.70
C GLN A 82 -2.85 34.03 20.29
N HIS A 83 -3.04 32.95 19.51
CA HIS A 83 -3.76 31.76 19.95
C HIS A 83 -3.23 30.50 19.25
N GLU A 84 -3.42 29.33 19.89
CA GLU A 84 -2.97 28.04 19.35
C GLU A 84 -3.80 27.55 18.15
N ASN A 85 -5.00 28.13 17.95
CA ASN A 85 -5.87 27.78 16.84
C ASN A 85 -5.99 28.86 15.78
N LEU A 86 -4.97 29.72 15.69
CA LEU A 86 -4.86 30.77 14.67
C LEU A 86 -3.49 30.66 14.10
N VAL A 87 -3.33 30.92 12.80
CA VAL A 87 -2.01 30.89 12.16
C VAL A 87 -1.16 32.00 12.77
N GLU A 88 0.10 31.68 13.10
CA GLU A 88 1.00 32.63 13.74
C GLU A 88 1.65 33.55 12.72
N LEU A 89 1.56 34.87 12.95
CA LEU A 89 2.19 35.86 12.09
C LEU A 89 3.60 36.07 12.64
N LEU A 90 4.62 35.62 11.89
CA LEU A 90 6.00 35.75 12.32
C LEU A 90 6.55 37.16 12.10
N GLY A 91 6.29 37.72 10.91
CA GLY A 91 6.77 39.06 10.56
C GLY A 91 5.99 39.68 9.43
N PHE A 92 6.61 40.66 8.75
CA PHE A 92 6.02 41.42 7.65
C PHE A 92 7.08 42.22 6.88
N SER A 93 6.64 42.86 5.78
CA SER A 93 7.46 43.73 4.94
C SER A 93 6.59 44.87 4.39
N SER A 94 7.15 46.09 4.41
CA SER A 94 6.49 47.32 3.93
C SER A 94 7.41 48.15 3.03
N ASP A 95 8.74 47.95 3.15
CA ASP A 95 9.80 48.63 2.40
C ASP A 95 9.73 48.54 0.87
N GLY A 96 9.20 47.43 0.34
CA GLY A 96 9.06 47.24 -1.12
C GLY A 96 7.77 47.82 -1.65
N ASP A 97 7.51 47.61 -2.96
CA ASP A 97 6.31 48.09 -3.65
C ASP A 97 5.07 47.37 -3.11
N ASP A 98 5.14 46.02 -3.06
CA ASP A 98 4.07 45.16 -2.57
C ASP A 98 4.23 44.92 -1.06
N LEU A 99 3.11 44.87 -0.33
CA LEU A 99 3.09 44.62 1.11
C LEU A 99 3.06 43.11 1.37
N CYS A 100 3.86 42.64 2.34
CA CYS A 100 3.98 41.21 2.64
C CYS A 100 3.74 40.82 4.10
N LEU A 101 3.18 39.61 4.32
CA LEU A 101 2.91 39.04 5.64
C LEU A 101 3.52 37.63 5.74
N VAL A 102 4.32 37.40 6.80
CA VAL A 102 5.02 36.14 7.04
C VAL A 102 4.31 35.33 8.12
N TYR A 103 4.11 34.03 7.85
CA TYR A 103 3.45 33.10 8.75
C TYR A 103 4.22 31.81 8.91
N VAL A 104 3.88 31.02 9.93
CA VAL A 104 4.45 29.69 10.14
C VAL A 104 3.80 28.82 9.03
N TYR A 105 4.63 28.07 8.29
CA TYR A 105 4.16 27.18 7.23
C TYR A 105 3.34 26.03 7.86
N MET A 106 2.15 25.77 7.27
CA MET A 106 1.25 24.73 7.74
C MET A 106 1.43 23.47 6.86
N PRO A 107 2.31 22.53 7.29
CA PRO A 107 2.67 21.33 6.52
C PRO A 107 1.55 20.50 5.92
N ASN A 108 0.40 20.46 6.59
CA ASN A 108 -0.75 19.69 6.11
C ASN A 108 -1.77 20.48 5.32
N GLY A 109 -1.42 21.72 4.92
CA GLY A 109 -2.27 22.64 4.14
C GLY A 109 -3.66 22.89 4.78
N SER A 110 -4.69 22.99 3.92
CA SER A 110 -6.06 23.31 4.33
C SER A 110 -6.96 22.13 4.66
N LEU A 111 -8.03 22.37 5.39
CA LEU A 111 -9.01 21.33 5.72
C LEU A 111 -9.73 20.93 4.41
N LEU A 112 -9.91 21.89 3.47
CA LEU A 112 -10.56 21.66 2.18
C LEU A 112 -9.79 20.60 1.40
N ASP A 113 -8.47 20.80 1.25
CA ASP A 113 -7.56 19.92 0.53
C ASP A 113 -7.42 18.55 1.18
N ARG A 114 -7.54 18.50 2.50
CA ARG A 114 -7.45 17.25 3.25
C ARG A 114 -8.74 16.50 3.22
N LEU A 115 -9.87 17.24 3.11
CA LEU A 115 -11.17 16.57 2.97
C LEU A 115 -11.31 16.01 1.53
N SER A 116 -10.67 16.66 0.55
CA SER A 116 -10.71 16.20 -0.82
C SER A 116 -9.59 15.20 -1.19
N CYS A 117 -8.61 14.96 -0.25
CA CYS A 117 -7.42 14.09 -0.36
C CYS A 117 -6.57 14.56 -1.54
N LEU A 118 -6.46 15.87 -1.69
CA LEU A 118 -5.67 16.49 -2.74
C LEU A 118 -4.22 16.00 -2.69
N ASP A 119 -3.69 15.63 -3.86
CA ASP A 119 -2.33 15.15 -4.05
C ASP A 119 -2.04 13.77 -3.46
N GLY A 120 -3.08 12.98 -3.19
CA GLY A 120 -2.98 11.60 -2.72
C GLY A 120 -2.80 11.42 -1.23
N THR A 121 -3.09 12.43 -0.44
CA THR A 121 -2.98 12.36 1.02
C THR A 121 -4.07 11.43 1.57
N PRO A 122 -3.83 10.73 2.71
CA PRO A 122 -4.87 9.78 3.21
C PRO A 122 -6.08 10.50 3.82
N PRO A 123 -7.29 9.93 3.63
CA PRO A 123 -8.51 10.53 4.23
C PRO A 123 -8.33 10.74 5.71
N LEU A 124 -8.90 11.86 6.26
CA LEU A 124 -8.81 12.13 7.68
C LEU A 124 -9.82 11.21 8.39
N SER A 125 -9.43 10.65 9.54
CA SER A 125 -10.32 9.81 10.34
C SER A 125 -11.29 10.73 11.06
N TRP A 126 -12.38 10.14 11.58
CA TRP A 126 -13.39 10.81 12.38
C TRP A 126 -12.76 11.42 13.64
N HIS A 127 -11.84 10.67 14.30
CA HIS A 127 -11.09 11.13 15.47
C HIS A 127 -10.36 12.44 15.17
N MET A 128 -9.59 12.51 14.05
N MET A 128 -9.59 12.51 14.05
CA MET A 128 -8.90 13.74 13.63
CA MET A 128 -8.91 13.74 13.63
C MET A 128 -9.92 14.85 13.32
C MET A 128 -9.92 14.86 13.31
N ARG A 129 -11.01 14.52 12.59
CA ARG A 129 -12.08 15.45 12.22
C ARG A 129 -12.76 16.14 13.45
N CYS A 130 -13.01 15.37 14.54
CA CYS A 130 -13.53 15.88 15.82
C CYS A 130 -12.56 16.86 16.46
N LYS A 131 -11.28 16.51 16.50
CA LYS A 131 -10.23 17.36 17.05
C LYS A 131 -10.12 18.67 16.25
N ILE A 132 -10.29 18.59 14.91
CA ILE A 132 -10.21 19.75 14.00
C ILE A 132 -11.39 20.70 14.21
N ALA A 133 -12.60 20.15 14.37
CA ALA A 133 -13.83 20.91 14.61
C ALA A 133 -13.69 21.69 15.93
N GLN A 134 -13.29 20.98 17.01
CA GLN A 134 -13.05 21.54 18.35
C GLN A 134 -12.00 22.65 18.30
N GLY A 135 -10.86 22.39 17.64
CA GLY A 135 -9.79 23.35 17.46
C GLY A 135 -10.27 24.57 16.71
N ALA A 136 -10.98 24.40 15.58
CA ALA A 136 -11.47 25.51 14.77
C ALA A 136 -12.44 26.43 15.56
N ALA A 137 -13.35 25.83 16.37
CA ALA A 137 -14.31 26.50 17.24
C ALA A 137 -13.59 27.29 18.35
N ASN A 138 -12.44 26.79 18.84
CA ASN A 138 -11.63 27.48 19.85
C ASN A 138 -10.95 28.71 19.23
N GLY A 139 -10.58 28.63 17.95
CA GLY A 139 -9.98 29.75 17.22
C GLY A 139 -11.02 30.86 17.03
N ILE A 140 -12.24 30.52 16.56
CA ILE A 140 -13.35 31.45 16.35
C ILE A 140 -13.73 32.13 17.67
N ASN A 141 -13.81 31.34 18.76
CA ASN A 141 -14.10 31.84 20.10
C ASN A 141 -13.11 32.91 20.51
N PHE A 142 -11.81 32.66 20.32
CA PHE A 142 -10.77 33.63 20.62
C PHE A 142 -10.97 34.93 19.85
N LEU A 143 -11.36 34.85 18.57
CA LEU A 143 -11.61 36.02 17.72
C LEU A 143 -12.84 36.79 18.21
N HIS A 144 -13.92 36.07 18.56
CA HIS A 144 -15.18 36.66 19.02
C HIS A 144 -15.05 37.30 20.43
N GLU A 145 -14.27 36.65 21.33
CA GLU A 145 -13.97 37.13 22.68
C GLU A 145 -13.26 38.47 22.58
N ASN A 146 -12.36 38.60 21.60
CA ASN A 146 -11.58 39.82 21.34
C ASN A 146 -12.30 40.77 20.38
N HIS A 147 -13.62 40.59 20.23
CA HIS A 147 -14.52 41.41 19.43
C HIS A 147 -14.09 41.56 17.95
N HIS A 148 -13.81 40.42 17.30
CA HIS A 148 -13.44 40.37 15.88
C HIS A 148 -14.38 39.44 15.13
N ILE A 149 -14.70 39.80 13.90
CA ILE A 149 -15.56 39.02 13.00
C ILE A 149 -14.65 38.61 11.85
N HIS A 150 -14.55 37.29 11.59
CA HIS A 150 -13.69 36.76 10.55
C HIS A 150 -14.16 37.17 9.16
N ARG A 151 -15.45 36.93 8.85
CA ARG A 151 -16.13 37.24 7.57
C ARG A 151 -15.84 36.26 6.42
N ASP A 152 -14.94 35.27 6.63
CA ASP A 152 -14.61 34.28 5.59
C ASP A 152 -14.27 32.90 6.19
N ILE A 153 -15.08 32.42 7.14
CA ILE A 153 -14.92 31.12 7.75
C ILE A 153 -15.30 30.11 6.67
N LYS A 154 -14.33 29.26 6.29
CA LYS A 154 -14.48 28.21 5.29
C LYS A 154 -13.34 27.21 5.47
N SER A 155 -13.49 26.01 4.88
CA SER A 155 -12.50 24.94 4.95
C SER A 155 -11.16 25.30 4.38
N ALA A 156 -11.11 26.12 3.30
CA ALA A 156 -9.82 26.57 2.73
C ALA A 156 -9.10 27.52 3.70
N ASN A 157 -9.81 28.13 4.69
CA ASN A 157 -9.23 29.05 5.67
C ASN A 157 -8.95 28.38 7.04
N ILE A 158 -9.04 27.06 7.09
CA ILE A 158 -8.72 26.29 8.28
C ILE A 158 -7.50 25.48 7.90
N LEU A 159 -6.37 25.84 8.50
CA LEU A 159 -5.11 25.20 8.21
C LEU A 159 -4.69 24.19 9.24
N LEU A 160 -3.87 23.25 8.83
CA LEU A 160 -3.48 22.13 9.65
C LEU A 160 -1.96 22.09 9.82
N ASP A 161 -1.50 21.98 11.07
CA ASP A 161 -0.06 21.92 11.34
C ASP A 161 0.44 20.46 11.37
N GLU A 162 1.70 20.29 11.79
CA GLU A 162 2.44 19.03 11.92
C GLU A 162 1.70 17.99 12.79
N ALA A 163 0.73 18.42 13.59
CA ALA A 163 -0.04 17.51 14.43
C ALA A 163 -1.52 17.50 14.03
N PHE A 164 -1.85 18.16 12.90
CA PHE A 164 -3.24 18.31 12.42
C PHE A 164 -4.10 19.15 13.39
N THR A 165 -3.44 20.14 14.05
CA THR A 165 -4.12 21.11 14.90
C THR A 165 -4.73 22.13 13.94
N ALA A 166 -6.01 22.47 14.15
CA ALA A 166 -6.70 23.43 13.30
C ALA A 166 -6.21 24.85 13.61
N LYS A 167 -5.84 25.59 12.56
CA LYS A 167 -5.38 26.97 12.67
C LYS A 167 -6.19 27.85 11.69
N ILE A 168 -7.00 28.78 12.23
CA ILE A 168 -7.79 29.72 11.42
C ILE A 168 -6.82 30.72 10.75
N SER A 169 -6.92 30.90 9.43
CA SER A 169 -6.11 31.85 8.65
C SER A 169 -6.97 32.92 7.99
N ASP A 170 -6.33 33.85 7.25
CA ASP A 170 -6.92 34.95 6.48
C ASP A 170 -7.80 35.93 7.27
N PHE A 171 -7.21 37.06 7.68
CA PHE A 171 -7.89 38.10 8.44
C PHE A 171 -7.89 39.44 7.68
N GLY A 172 -7.80 39.36 6.32
CA GLY A 172 -7.80 40.52 5.43
C GLY A 172 -9.16 41.21 5.42
N LEU A 173 -10.25 40.40 5.56
CA LEU A 173 -11.63 40.87 5.57
C LEU A 173 -12.17 41.11 6.99
N ALA A 174 -11.37 40.77 8.03
CA ALA A 174 -11.72 40.92 9.44
C ALA A 174 -12.23 42.32 9.84
N ARG A 175 -13.24 42.36 10.72
CA ARG A 175 -13.87 43.59 11.23
N TPO A 183 -24.97 45.53 15.07
CA TPO A 183 -24.94 45.05 13.69
CB TPO A 183 -26.05 44.04 13.32
CG2 TPO A 183 -26.07 43.75 11.79
OG1 TPO A 183 -25.79 42.79 13.96
P TPO A 183 -26.79 42.51 15.12
O1P TPO A 183 -26.59 43.53 16.25
O2P TPO A 183 -26.49 41.09 15.66
O3P TPO A 183 -28.25 42.56 14.65
C TPO A 183 -24.78 46.21 12.71
O TPO A 183 -25.59 47.15 12.72
N VAL A 184 -23.74 46.14 11.89
CA VAL A 184 -23.37 47.15 10.87
C VAL A 184 -23.82 46.66 9.49
N MET A 185 -23.94 47.57 8.52
CA MET A 185 -24.31 47.27 7.14
C MET A 185 -23.16 47.72 6.24
N TPO A 186 -23.06 47.15 5.03
CA TPO A 186 -21.99 47.50 4.09
CB TPO A 186 -20.60 46.84 4.33
CG2 TPO A 186 -20.71 45.32 4.14
OG1 TPO A 186 -19.60 47.37 3.38
P TPO A 186 -18.58 48.38 3.94
O1P TPO A 186 -18.96 49.78 3.47
O2P TPO A 186 -17.24 48.08 3.28
O3P TPO A 186 -18.44 48.33 5.46
C TPO A 186 -22.41 47.36 2.63
O TPO A 186 -23.19 46.48 2.27
N SEP A 187 -21.85 48.22 1.78
CA SEP A 187 -22.07 48.20 0.34
CB SEP A 187 -21.86 49.59 -0.26
OG SEP A 187 -20.61 50.14 0.24
C SEP A 187 -21.13 47.19 -0.34
O SEP A 187 -21.54 46.54 -1.31
P SEP A 187 -20.56 51.67 0.02
O1P SEP A 187 -19.19 52.16 0.55
O2P SEP A 187 -21.70 52.34 0.81
O3P SEP A 187 -20.71 51.97 -1.50
N ARG A 188 -19.90 47.03 0.18
CA ARG A 188 -18.90 46.08 -0.33
C ARG A 188 -19.12 44.69 0.33
N ILE A 189 -19.98 43.86 -0.31
CA ILE A 189 -20.31 42.50 0.19
C ILE A 189 -19.16 41.57 -0.16
N VAL A 190 -18.51 41.04 0.89
CA VAL A 190 -17.36 40.14 0.75
C VAL A 190 -17.52 38.82 1.53
N GLY A 191 -16.87 37.77 1.04
CA GLY A 191 -16.92 36.44 1.64
C GLY A 191 -17.07 35.40 0.54
N THR A 192 -17.38 34.15 0.93
CA THR A 192 -17.55 33.05 -0.03
C THR A 192 -18.99 32.61 0.01
N THR A 193 -19.69 32.82 -1.10
CA THR A 193 -21.11 32.60 -1.34
C THR A 193 -21.67 31.34 -0.70
N ALA A 194 -21.04 30.18 -1.00
CA ALA A 194 -21.44 28.85 -0.57
C ALA A 194 -21.43 28.65 0.95
N TYR A 195 -20.70 29.52 1.65
CA TYR A 195 -20.54 29.50 3.11
C TYR A 195 -21.27 30.65 3.79
N MET A 196 -21.72 31.64 3.02
CA MET A 196 -22.35 32.86 3.56
C MET A 196 -23.75 32.72 4.13
N ALA A 197 -23.98 33.36 5.30
CA ALA A 197 -25.27 33.49 5.98
C ALA A 197 -26.18 34.42 5.13
N PRO A 198 -27.54 34.23 5.18
CA PRO A 198 -28.44 35.09 4.38
C PRO A 198 -28.22 36.61 4.65
N GLU A 199 -28.05 37.00 5.91
CA GLU A 199 -27.81 38.41 6.26
C GLU A 199 -26.49 38.98 5.75
N ALA A 200 -25.41 38.17 5.77
CA ALA A 200 -24.08 38.59 5.29
C ALA A 200 -24.13 38.80 3.78
N LEU A 201 -25.00 38.04 3.09
CA LEU A 201 -25.20 38.16 1.64
C LEU A 201 -25.99 39.45 1.31
N ARG A 202 -26.69 40.01 2.32
CA ARG A 202 -27.47 41.25 2.22
C ARG A 202 -26.65 42.48 2.64
N GLY A 203 -25.44 42.28 3.20
CA GLY A 203 -24.55 43.38 3.59
C GLY A 203 -24.34 43.53 5.09
N GLU A 204 -25.04 42.74 5.93
CA GLU A 204 -24.87 42.83 7.37
C GLU A 204 -23.50 42.32 7.83
N ILE A 205 -22.99 42.87 8.95
CA ILE A 205 -21.71 42.52 9.55
C ILE A 205 -21.98 42.15 11.01
N THR A 206 -21.94 40.84 11.31
CA THR A 206 -22.23 40.29 12.63
C THR A 206 -21.42 38.99 12.89
N PRO A 207 -20.98 38.72 14.15
CA PRO A 207 -20.25 37.47 14.42
C PRO A 207 -21.19 36.26 14.27
N LYS A 208 -22.51 36.50 14.15
CA LYS A 208 -23.51 35.46 13.94
C LYS A 208 -23.36 34.84 12.54
N SER A 209 -22.77 35.60 11.60
CA SER A 209 -22.51 35.14 10.25
C SER A 209 -21.38 34.09 10.24
N ASP A 210 -20.38 34.25 11.15
CA ASP A 210 -19.24 33.34 11.35
C ASP A 210 -19.72 31.96 11.86
N ILE A 211 -20.77 31.94 12.71
CA ILE A 211 -21.37 30.71 13.25
C ILE A 211 -22.01 29.90 12.10
N TYR A 212 -22.75 30.60 11.22
CA TYR A 212 -23.42 29.98 10.07
C TYR A 212 -22.40 29.30 9.12
N SER A 213 -21.31 30.02 8.80
CA SER A 213 -20.22 29.57 7.95
C SER A 213 -19.54 28.34 8.59
N PHE A 214 -19.38 28.34 9.93
CA PHE A 214 -18.82 27.21 10.64
C PHE A 214 -19.74 25.97 10.56
N GLY A 215 -21.07 26.17 10.46
CA GLY A 215 -22.03 25.10 10.28
C GLY A 215 -21.86 24.40 8.91
N VAL A 216 -21.47 25.19 7.86
CA VAL A 216 -21.19 24.66 6.54
C VAL A 216 -19.90 23.80 6.62
N VAL A 217 -18.88 24.27 7.37
CA VAL A 217 -17.60 23.59 7.59
C VAL A 217 -17.85 22.23 8.28
N LEU A 218 -18.71 22.21 9.31
CA LEU A 218 -19.06 20.97 10.02
C LEU A 218 -19.74 19.98 9.08
N LEU A 219 -20.57 20.50 8.14
CA LEU A 219 -21.23 19.65 7.12
C LEU A 219 -20.18 19.08 6.16
N GLU A 220 -19.11 19.85 5.84
CA GLU A 220 -18.02 19.39 4.97
C GLU A 220 -17.22 18.29 5.71
N ILE A 221 -16.98 18.49 7.01
CA ILE A 221 -16.26 17.53 7.85
C ILE A 221 -17.02 16.17 7.87
N ILE A 222 -18.35 16.21 8.13
CA ILE A 222 -19.16 14.99 8.21
C ILE A 222 -19.21 14.22 6.89
N THR A 223 -19.50 14.94 5.79
CA THR A 223 -19.75 14.39 4.45
C THR A 223 -18.56 14.25 3.54
N GLY A 224 -17.49 15.02 3.78
CA GLY A 224 -16.34 15.02 2.90
C GLY A 224 -16.63 15.72 1.57
N LEU A 225 -17.84 16.31 1.40
CA LEU A 225 -18.27 17.01 0.18
C LEU A 225 -17.96 18.50 0.24
N PRO A 226 -17.49 19.13 -0.89
CA PRO A 226 -17.21 20.58 -0.89
C PRO A 226 -18.53 21.37 -0.81
N ALA A 227 -18.51 22.59 -0.19
CA ALA A 227 -19.69 23.46 -0.01
C ALA A 227 -20.42 23.72 -1.31
N VAL A 228 -19.65 23.86 -2.39
CA VAL A 228 -20.17 24.01 -3.73
C VAL A 228 -19.49 23.01 -4.68
N ASP A 229 -20.29 22.30 -5.47
CA ASP A 229 -19.81 21.42 -6.52
C ASP A 229 -20.74 21.66 -7.71
N GLU A 230 -20.21 22.25 -8.79
CA GLU A 230 -20.97 22.57 -9.99
C GLU A 230 -21.63 21.37 -10.69
N HIS A 231 -20.99 20.18 -10.61
CA HIS A 231 -21.47 18.94 -11.22
C HIS A 231 -22.25 18.03 -10.26
N ARG A 232 -22.69 18.58 -9.13
CA ARG A 232 -23.43 17.83 -8.12
C ARG A 232 -24.87 18.33 -8.00
N GLU A 233 -25.76 17.42 -7.58
CA GLU A 233 -27.16 17.71 -7.37
C GLU A 233 -27.46 17.32 -5.94
N PRO A 234 -27.65 18.32 -5.03
CA PRO A 234 -27.65 19.77 -5.24
C PRO A 234 -26.22 20.32 -5.29
N GLN A 235 -26.03 21.44 -5.99
CA GLN A 235 -24.73 22.11 -6.12
C GLN A 235 -24.22 22.61 -4.78
N LEU A 236 -25.12 23.14 -3.92
CA LEU A 236 -24.76 23.69 -2.61
C LEU A 236 -25.04 22.71 -1.52
N LEU A 237 -24.02 22.48 -0.64
CA LEU A 237 -24.05 21.58 0.51
C LEU A 237 -25.07 21.99 1.55
N LEU A 238 -25.30 23.30 1.74
CA LEU A 238 -26.29 23.78 2.71
C LEU A 238 -27.72 23.32 2.38
N ASP A 239 -27.99 23.02 1.09
CA ASP A 239 -29.27 22.51 0.61
C ASP A 239 -29.49 21.04 0.98
N ILE A 240 -28.38 20.29 1.26
CA ILE A 240 -28.45 18.89 1.69
C ILE A 240 -29.10 18.82 3.07
N LYS A 241 -28.87 19.87 3.90
CA LYS A 241 -29.46 20.01 5.23
C LYS A 241 -30.99 20.05 5.13
N GLU A 242 -31.51 20.64 4.04
CA GLU A 242 -32.95 20.73 3.79
C GLU A 242 -33.54 19.39 3.38
N GLU A 243 -32.77 18.58 2.60
CA GLU A 243 -33.17 17.23 2.15
C GLU A 243 -33.25 16.27 3.34
N ILE A 244 -32.41 16.47 4.34
CA ILE A 244 -32.38 15.65 5.55
C ILE A 244 -33.57 16.02 6.47
N GLU A 245 -33.84 17.34 6.64
CA GLU A 245 -34.95 17.87 7.46
C GLU A 245 -36.31 17.41 6.93
N ASP A 246 -36.48 17.41 5.58
CA ASP A 246 -37.68 16.91 4.91
C ASP A 246 -37.37 15.45 4.57
N GLU A 247 -37.21 14.61 5.64
CA GLU A 247 -36.80 13.20 5.69
C GLU A 247 -36.99 12.34 4.44
N GLU A 248 -36.25 12.72 3.41
CA GLU A 248 -36.14 12.02 2.14
C GLU A 248 -34.89 11.12 2.34
N LYS A 249 -33.93 11.65 3.17
CA LYS A 249 -32.64 11.06 3.54
C LYS A 249 -32.31 11.43 5.00
N THR A 250 -31.25 10.79 5.54
CA THR A 250 -30.73 11.05 6.88
C THR A 250 -29.25 11.45 6.79
N ILE A 251 -28.65 11.92 7.90
CA ILE A 251 -27.24 12.31 7.92
C ILE A 251 -26.33 11.09 7.65
N GLU A 252 -26.76 9.89 8.11
CA GLU A 252 -26.10 8.60 7.90
C GLU A 252 -25.86 8.30 6.42
N ASP A 253 -26.79 8.69 5.55
CA ASP A 253 -26.67 8.50 4.10
C ASP A 253 -25.62 9.45 3.49
N TYR A 254 -25.28 10.54 4.21
CA TYR A 254 -24.32 11.53 3.75
C TYR A 254 -22.91 11.43 4.34
N ILE A 255 -22.74 10.65 5.45
CA ILE A 255 -21.44 10.40 6.11
C ILE A 255 -20.37 10.04 5.09
N ASP A 256 -19.21 10.67 5.22
CA ASP A 256 -18.07 10.40 4.34
C ASP A 256 -17.68 8.89 4.47
N LYS A 257 -17.69 8.19 3.33
CA LYS A 257 -17.35 6.77 3.18
C LYS A 257 -15.86 6.49 3.29
N LYS A 258 -15.02 7.54 3.17
CA LYS A 258 -13.57 7.45 3.31
C LYS A 258 -13.10 7.45 4.79
N MET A 259 -13.93 6.87 5.68
CA MET A 259 -13.69 6.76 7.12
C MET A 259 -14.09 5.39 7.61
N ASN A 260 -13.30 4.82 8.54
CA ASN A 260 -13.61 3.53 9.17
C ASN A 260 -14.00 3.67 10.67
N ASP A 261 -13.63 4.81 11.31
CA ASP A 261 -13.80 5.07 12.75
C ASP A 261 -14.97 5.97 13.16
N ALA A 262 -15.95 6.22 12.26
CA ALA A 262 -17.06 7.08 12.64
C ALA A 262 -18.21 6.30 13.26
N ASP A 263 -18.77 6.82 14.36
CA ASP A 263 -19.96 6.20 14.97
C ASP A 263 -21.14 7.15 14.85
N SER A 264 -22.36 6.61 14.75
CA SER A 264 -23.64 7.31 14.61
C SER A 264 -23.87 8.37 15.67
N THR A 265 -23.53 8.07 16.93
CA THR A 265 -23.74 8.98 18.05
C THR A 265 -22.97 10.29 17.91
N SER A 266 -21.65 10.22 17.71
CA SER A 266 -20.82 11.42 17.56
C SER A 266 -21.11 12.17 16.24
N VAL A 267 -21.41 11.43 15.15
CA VAL A 267 -21.74 12.03 13.85
C VAL A 267 -23.03 12.84 13.98
N GLU A 268 -24.10 12.23 14.57
CA GLU A 268 -25.38 12.88 14.81
C GLU A 268 -25.24 14.07 15.75
N ALA A 269 -24.33 13.96 16.75
CA ALA A 269 -24.05 15.05 17.68
C ALA A 269 -23.39 16.21 16.93
N MET A 270 -22.44 15.92 15.99
CA MET A 270 -21.82 17.00 15.22
C MET A 270 -22.84 17.63 14.26
N TYR A 271 -23.71 16.79 13.65
CA TYR A 271 -24.74 17.27 12.74
C TYR A 271 -25.73 18.21 13.44
N SER A 272 -26.14 17.89 14.70
CA SER A 272 -27.04 18.73 15.50
C SER A 272 -26.44 20.13 15.69
N VAL A 273 -25.16 20.20 16.04
CA VAL A 273 -24.40 21.45 16.19
C VAL A 273 -24.46 22.23 14.87
N ALA A 274 -24.15 21.57 13.72
CA ALA A 274 -24.19 22.19 12.38
C ALA A 274 -25.60 22.71 12.03
N SER A 275 -26.66 21.96 12.42
CA SER A 275 -28.05 22.33 12.17
C SER A 275 -28.43 23.61 12.90
N GLN A 276 -28.01 23.70 14.18
CA GLN A 276 -28.20 24.86 15.05
C GLN A 276 -27.44 26.05 14.49
N CYS A 277 -26.22 25.82 13.98
CA CYS A 277 -25.39 26.85 13.36
C CYS A 277 -26.04 27.37 12.10
N LEU A 278 -26.74 26.48 11.39
CA LEU A 278 -27.39 26.78 10.11
C LEU A 278 -28.79 27.40 10.14
N HIS A 279 -29.30 27.83 11.33
CA HIS A 279 -30.58 28.53 11.44
C HIS A 279 -30.50 29.74 10.51
N GLU A 280 -31.49 29.93 9.63
CA GLU A 280 -31.48 31.07 8.72
C GLU A 280 -31.68 32.40 9.47
N LYS A 281 -32.32 32.32 10.66
CA LYS A 281 -32.58 33.44 11.55
C LYS A 281 -31.40 33.61 12.49
N LYS A 282 -30.51 34.58 12.19
CA LYS A 282 -29.28 34.90 12.93
C LYS A 282 -29.36 34.87 14.46
N ASN A 283 -30.51 35.25 15.02
CA ASN A 283 -30.71 35.30 16.47
C ASN A 283 -31.06 33.95 17.12
N LYS A 284 -31.45 32.96 16.27
CA LYS A 284 -31.77 31.61 16.73
C LYS A 284 -30.49 30.76 16.90
N ARG A 285 -29.41 31.10 16.13
CA ARG A 285 -28.12 30.41 16.15
C ARG A 285 -27.45 30.51 17.50
N PRO A 286 -26.66 29.48 17.92
CA PRO A 286 -25.94 29.57 19.19
C PRO A 286 -24.72 30.47 19.02
N ASP A 287 -24.17 30.95 20.14
CA ASP A 287 -22.96 31.75 20.11
C ASP A 287 -21.78 30.75 20.12
N ILE A 288 -20.58 31.22 19.78
CA ILE A 288 -19.39 30.36 19.73
C ILE A 288 -19.10 29.54 20.99
N LYS A 289 -19.34 30.11 22.19
CA LYS A 289 -19.12 29.42 23.46
C LYS A 289 -20.04 28.21 23.64
N LYS A 290 -21.28 28.29 23.10
CA LYS A 290 -22.23 27.19 23.13
C LYS A 290 -21.79 26.11 22.12
N VAL A 291 -21.23 26.54 20.98
CA VAL A 291 -20.74 25.66 19.92
C VAL A 291 -19.60 24.79 20.48
N GLN A 292 -18.64 25.41 21.21
CA GLN A 292 -17.50 24.74 21.86
C GLN A 292 -18.00 23.70 22.86
N GLN A 293 -18.93 24.10 23.75
CA GLN A 293 -19.54 23.25 24.77
C GLN A 293 -20.10 21.98 24.14
N LEU A 294 -20.95 22.17 23.11
CA LEU A 294 -21.60 21.10 22.37
C LEU A 294 -20.59 20.14 21.70
N LEU A 295 -19.53 20.70 21.09
CA LEU A 295 -18.48 19.93 20.43
C LEU A 295 -17.65 19.15 21.45
N GLN A 296 -17.45 19.73 22.66
CA GLN A 296 -16.71 19.08 23.74
C GLN A 296 -17.49 17.90 24.34
N GLU A 297 -18.82 18.05 24.48
CA GLU A 297 -19.75 17.02 25.00
C GLU A 297 -19.77 15.83 24.07
N MET A 298 -19.63 16.08 22.75
CA MET A 298 -19.61 15.09 21.66
C MET A 298 -18.49 14.04 21.85
N THR A 299 -17.29 14.48 22.32
CA THR A 299 -16.14 13.61 22.58
C THR A 299 -16.09 13.00 24.00
N ALA A 300 -16.80 13.62 24.96
CA ALA A 300 -16.85 13.14 26.35
N PHE B 6 8.91 -24.94 -36.00
CA PHE B 6 10.23 -25.01 -35.38
C PHE B 6 11.23 -24.10 -36.10
N HIS B 7 10.85 -22.83 -36.29
CA HIS B 7 11.58 -21.77 -37.01
C HIS B 7 13.09 -21.88 -36.94
N SER B 8 13.75 -21.94 -38.11
CA SER B 8 15.21 -21.98 -38.20
C SER B 8 15.65 -20.51 -38.19
N PHE B 9 15.52 -19.89 -37.00
CA PHE B 9 15.83 -18.48 -36.74
C PHE B 9 17.23 -18.10 -37.19
N SER B 10 17.32 -17.01 -37.96
CA SER B 10 18.57 -16.46 -38.45
C SER B 10 19.33 -15.89 -37.26
N PHE B 11 20.66 -16.08 -37.21
CA PHE B 11 21.49 -15.55 -36.11
C PHE B 11 21.29 -14.03 -35.99
N TYR B 12 21.07 -13.36 -37.14
CA TYR B 12 20.83 -11.93 -37.25
C TYR B 12 19.40 -11.54 -36.83
N GLU B 13 18.42 -12.47 -36.95
CA GLU B 13 17.04 -12.22 -36.49
C GLU B 13 17.04 -12.23 -34.96
N LEU B 14 17.79 -13.17 -34.36
CA LEU B 14 17.93 -13.29 -32.92
C LEU B 14 18.84 -12.20 -32.36
N LYS B 15 19.83 -11.73 -33.15
CA LYS B 15 20.74 -10.64 -32.78
C LYS B 15 19.94 -9.32 -32.75
N ASN B 16 18.94 -9.19 -33.65
CA ASN B 16 18.06 -8.03 -33.78
C ASN B 16 17.10 -7.93 -32.58
N VAL B 17 16.42 -9.05 -32.25
CA VAL B 17 15.43 -9.13 -31.17
C VAL B 17 15.98 -9.07 -29.73
N THR B 18 17.29 -9.36 -29.56
CA THR B 18 18.00 -9.31 -28.28
C THR B 18 18.91 -8.06 -28.21
N ASN B 19 18.83 -7.20 -29.26
CA ASN B 19 19.58 -5.95 -29.44
C ASN B 19 21.10 -6.14 -29.30
N ASN B 20 21.66 -6.89 -30.27
CA ASN B 20 23.07 -7.27 -30.42
C ASN B 20 23.64 -8.02 -29.21
N PHE B 21 22.78 -8.84 -28.56
CA PHE B 21 23.07 -9.66 -27.37
C PHE B 21 23.62 -8.82 -26.19
N ASP B 22 22.75 -7.98 -25.61
CA ASP B 22 23.06 -7.09 -24.50
C ASP B 22 23.22 -7.87 -23.18
N GLU B 23 24.31 -7.58 -22.43
CA GLU B 23 24.65 -8.24 -21.17
C GLU B 23 24.21 -7.45 -19.91
N ARG B 24 23.21 -6.58 -20.05
CA ARG B 24 22.68 -5.75 -18.95
C ARG B 24 21.36 -6.32 -18.42
N PRO B 25 21.15 -6.31 -17.08
CA PRO B 25 19.90 -6.80 -16.49
C PRO B 25 18.68 -5.97 -16.90
N ILE B 26 17.52 -6.63 -17.01
CA ILE B 26 16.25 -6.01 -17.41
C ILE B 26 15.61 -5.33 -16.20
N SER B 27 15.46 -3.99 -16.29
CA SER B 27 14.86 -3.12 -15.27
C SER B 27 14.42 -1.78 -15.89
N VAL B 28 15.32 -1.16 -16.68
CA VAL B 28 15.10 0.13 -17.37
C VAL B 28 15.43 0.09 -18.88
N GLY B 29 16.19 -0.92 -19.33
CA GLY B 29 16.56 -1.08 -20.74
C GLY B 29 17.65 -2.14 -21.00
N GLY B 30 17.55 -3.32 -20.35
CA GLY B 30 18.50 -4.42 -20.52
C GLY B 30 17.92 -5.57 -21.36
N ASN B 31 18.68 -6.65 -21.54
CA ASN B 31 18.26 -7.83 -22.32
C ASN B 31 18.64 -9.17 -21.67
N LYS B 32 19.80 -9.23 -21.00
CA LYS B 32 20.33 -10.41 -20.31
C LYS B 32 19.39 -10.89 -19.19
N MET B 33 19.16 -12.22 -19.12
CA MET B 33 18.32 -12.86 -18.11
C MET B 33 19.15 -13.68 -17.11
N GLY B 34 20.37 -14.06 -17.52
CA GLY B 34 21.31 -14.84 -16.71
C GLY B 34 22.20 -15.75 -17.55
N GLU B 35 22.85 -16.72 -16.89
CA GLU B 35 23.75 -17.70 -17.48
C GLU B 35 23.74 -18.96 -16.62
N GLY B 36 23.70 -20.14 -17.26
CA GLY B 36 23.70 -21.43 -16.56
CA PHE B 38 26.42 -23.79 -20.65
C PHE B 38 25.86 -22.94 -21.80
N GLY B 39 25.45 -21.71 -21.50
CA GLY B 39 24.88 -20.78 -22.48
C GLY B 39 24.20 -19.60 -21.80
N VAL B 40 24.52 -18.37 -22.26
CA VAL B 40 23.96 -17.12 -21.75
C VAL B 40 22.51 -16.95 -22.27
N VAL B 41 21.58 -16.52 -21.39
CA VAL B 41 20.15 -16.33 -21.69
C VAL B 41 19.84 -14.84 -21.93
N TYR B 42 18.98 -14.52 -22.93
CA TYR B 42 18.58 -13.16 -23.30
C TYR B 42 17.07 -13.11 -23.58
N LYS B 43 16.42 -11.96 -23.29
CA LYS B 43 15.01 -11.73 -23.60
C LYS B 43 14.91 -11.24 -25.05
N GLY B 44 13.88 -11.70 -25.79
CA GLY B 44 13.66 -11.32 -27.20
C GLY B 44 12.18 -11.19 -27.55
N TYR B 45 11.90 -10.71 -28.78
CA TYR B 45 10.53 -10.50 -29.29
C TYR B 45 10.38 -11.00 -30.75
N VAL B 46 9.74 -12.17 -30.95
CA VAL B 46 9.49 -12.70 -32.30
C VAL B 46 8.03 -13.03 -32.52
N ASN B 47 7.43 -12.47 -33.60
CA ASN B 47 6.02 -12.63 -34.01
C ASN B 47 5.03 -12.27 -32.88
N ASN B 48 5.26 -11.08 -32.26
CA ASN B 48 4.52 -10.46 -31.14
C ASN B 48 4.64 -11.25 -29.82
N THR B 49 5.28 -12.43 -29.89
CA THR B 49 5.51 -13.36 -28.79
C THR B 49 6.86 -13.04 -28.13
N THR B 50 6.84 -12.91 -26.79
CA THR B 50 8.05 -12.68 -26.01
C THR B 50 8.76 -14.03 -25.87
N VAL B 51 10.08 -14.03 -26.14
CA VAL B 51 10.90 -15.24 -26.13
C VAL B 51 12.14 -15.16 -25.22
N ALA B 52 12.80 -16.31 -25.05
CA ALA B 52 14.04 -16.49 -24.29
C ALA B 52 15.05 -17.10 -25.27
N VAL B 53 16.17 -16.40 -25.50
CA VAL B 53 17.22 -16.86 -26.44
C VAL B 53 18.46 -17.32 -25.65
N LYS B 54 18.84 -18.59 -25.83
CA LYS B 54 20.00 -19.19 -25.16
C LYS B 54 21.21 -19.27 -26.11
N LYS B 55 22.17 -18.33 -25.97
CA LYS B 55 23.38 -18.26 -26.78
C LYS B 55 24.46 -19.19 -26.18
N LEU B 56 24.54 -20.42 -26.74
CA LEU B 56 25.44 -21.49 -26.31
C LEU B 56 26.94 -21.19 -26.55
N ALA B 57 27.79 -21.51 -25.54
CA ALA B 57 29.23 -21.31 -25.58
N GLU B 74 20.38 -30.85 -26.96
CA GLU B 74 19.18 -30.32 -26.30
C GLU B 74 17.98 -30.34 -27.23
N ILE B 75 18.19 -30.10 -28.55
CA ILE B 75 17.14 -30.14 -29.59
C ILE B 75 16.54 -31.54 -29.62
N LYS B 76 17.42 -32.58 -29.61
CA LYS B 76 17.04 -34.00 -29.60
C LYS B 76 16.22 -34.37 -28.37
N VAL B 77 16.52 -33.74 -27.19
CA VAL B 77 15.79 -33.94 -25.93
C VAL B 77 14.41 -33.26 -26.04
N MET B 78 14.38 -31.99 -26.52
CA MET B 78 13.15 -31.19 -26.69
C MET B 78 12.23 -31.68 -27.80
N ALA B 79 12.77 -32.44 -28.78
CA ALA B 79 12.00 -33.01 -29.89
C ALA B 79 11.12 -34.13 -29.33
N LYS B 80 11.69 -34.91 -28.40
CA LYS B 80 11.03 -36.03 -27.72
C LYS B 80 10.18 -35.53 -26.55
N CYS B 81 10.76 -34.60 -25.75
CA CYS B 81 10.15 -34.07 -24.53
C CYS B 81 9.24 -32.85 -24.64
N GLN B 82 7.93 -33.10 -24.68
CA GLN B 82 6.85 -32.11 -24.72
C GLN B 82 5.93 -32.38 -23.54
N HIS B 83 5.93 -31.47 -22.55
CA HIS B 83 5.13 -31.60 -21.33
C HIS B 83 4.71 -30.24 -20.77
N GLU B 84 3.62 -30.21 -19.98
CA GLU B 84 3.12 -28.97 -19.38
C GLU B 84 4.06 -28.42 -18.28
N ASN B 85 4.93 -29.27 -17.72
CA ASN B 85 5.86 -28.86 -16.66
C ASN B 85 7.31 -28.77 -17.11
N LEU B 86 7.52 -28.57 -18.42
CA LEU B 86 8.84 -28.35 -19.00
C LEU B 86 8.73 -27.12 -19.88
N VAL B 87 9.79 -26.32 -19.95
CA VAL B 87 9.81 -25.13 -20.81
C VAL B 87 9.72 -25.59 -22.26
N GLU B 88 9.00 -24.83 -23.08
CA GLU B 88 8.84 -25.19 -24.48
C GLU B 88 9.90 -24.53 -25.35
N LEU B 89 10.59 -25.33 -26.18
CA LEU B 89 11.59 -24.87 -27.15
C LEU B 89 10.84 -24.53 -28.43
N LEU B 90 11.00 -23.29 -28.91
CA LEU B 90 10.34 -22.81 -30.11
C LEU B 90 11.22 -22.98 -31.36
N GLY B 91 12.52 -22.62 -31.28
CA GLY B 91 13.41 -22.70 -32.45
C GLY B 91 14.88 -22.93 -32.09
N PHE B 92 15.77 -22.60 -33.07
CA PHE B 92 17.23 -22.78 -33.00
C PHE B 92 17.97 -21.85 -34.00
N SER B 93 19.33 -21.91 -33.99
CA SER B 93 20.20 -21.14 -34.90
C SER B 93 21.58 -21.80 -35.01
N SER B 94 22.07 -21.96 -36.26
CA SER B 94 23.37 -22.57 -36.55
C SER B 94 24.23 -21.75 -37.51
N ASP B 95 23.57 -20.93 -38.36
CA ASP B 95 24.18 -20.07 -39.40
C ASP B 95 25.22 -19.07 -38.90
N GLY B 96 25.09 -18.56 -37.67
CA GLY B 96 26.05 -17.59 -37.12
C GLY B 96 27.21 -18.29 -36.41
N ASP B 97 28.10 -17.49 -35.77
CA ASP B 97 29.26 -17.99 -35.03
C ASP B 97 28.80 -18.74 -33.77
N ASP B 98 27.89 -18.13 -33.00
CA ASP B 98 27.33 -18.73 -31.78
C ASP B 98 26.04 -19.50 -32.11
N LEU B 99 25.82 -20.65 -31.44
CA LEU B 99 24.63 -21.49 -31.59
C LEU B 99 23.56 -21.01 -30.61
N CYS B 100 22.28 -20.92 -31.06
CA CYS B 100 21.18 -20.41 -30.24
C CYS B 100 19.98 -21.35 -30.09
N LEU B 101 19.22 -21.21 -28.96
CA LEU B 101 18.00 -21.96 -28.61
C LEU B 101 16.89 -20.99 -28.17
N VAL B 102 15.72 -21.08 -28.80
CA VAL B 102 14.59 -20.19 -28.55
C VAL B 102 13.50 -20.86 -27.73
N TYR B 103 13.08 -20.23 -26.63
CA TYR B 103 12.06 -20.78 -25.74
C TYR B 103 10.94 -19.80 -25.52
N VAL B 104 9.81 -20.29 -24.99
CA VAL B 104 8.67 -19.45 -24.59
C VAL B 104 9.16 -18.69 -23.33
N TYR B 105 8.95 -17.37 -23.30
CA TYR B 105 9.33 -16.52 -22.18
C TYR B 105 8.44 -16.82 -20.97
N MET B 106 9.08 -16.99 -19.81
CA MET B 106 8.36 -17.27 -18.58
C MET B 106 8.25 -15.95 -17.79
N PRO B 107 7.04 -15.32 -17.82
CA PRO B 107 6.80 -14.01 -17.19
C PRO B 107 7.06 -13.91 -15.67
N ASN B 108 7.09 -15.04 -14.98
CA ASN B 108 7.31 -14.99 -13.54
C ASN B 108 8.66 -15.43 -13.12
N GLY B 109 9.56 -15.65 -14.13
CA GLY B 109 10.97 -16.05 -13.95
C GLY B 109 11.14 -17.35 -13.18
N SER B 110 12.24 -17.42 -12.38
CA SER B 110 12.60 -18.61 -11.62
C SER B 110 12.00 -18.73 -10.23
N LEU B 111 11.94 -19.96 -9.72
CA LEU B 111 11.45 -20.21 -8.36
C LEU B 111 12.45 -19.57 -7.37
N LEU B 112 13.74 -19.53 -7.73
CA LEU B 112 14.80 -18.95 -6.89
C LEU B 112 14.51 -17.47 -6.64
N ASP B 113 14.28 -16.73 -7.74
CA ASP B 113 13.99 -15.30 -7.76
C ASP B 113 12.67 -14.97 -7.07
N ARG B 114 11.70 -15.86 -7.14
CA ARG B 114 10.42 -15.67 -6.48
C ARG B 114 10.50 -15.99 -5.02
N LEU B 115 11.34 -16.97 -4.65
CA LEU B 115 11.52 -17.29 -3.23
C LEU B 115 12.30 -16.16 -2.53
N SER B 116 13.19 -15.47 -3.27
CA SER B 116 13.96 -14.37 -2.72
C SER B 116 13.27 -13.00 -2.86
N CYS B 117 12.09 -12.94 -3.56
CA CYS B 117 11.28 -11.75 -3.85
C CYS B 117 12.10 -10.73 -4.61
N LEU B 118 12.91 -11.23 -5.54
CA LEU B 118 13.77 -10.40 -6.38
C LEU B 118 12.96 -9.36 -7.14
N ASP B 119 13.41 -8.11 -7.11
CA ASP B 119 12.79 -6.97 -7.79
C ASP B 119 11.45 -6.52 -7.21
N GLY B 120 11.18 -6.90 -5.96
CA GLY B 120 9.99 -6.45 -5.22
C GLY B 120 8.75 -7.24 -5.43
N THR B 121 8.86 -8.44 -6.00
CA THR B 121 7.69 -9.29 -6.22
C THR B 121 7.12 -9.79 -4.87
N PRO B 122 5.79 -10.03 -4.76
CA PRO B 122 5.25 -10.49 -3.47
C PRO B 122 5.65 -11.95 -3.13
N PRO B 123 5.88 -12.25 -1.82
CA PRO B 123 6.23 -13.63 -1.43
C PRO B 123 5.17 -14.62 -1.94
N LEU B 124 5.58 -15.84 -2.32
CA LEU B 124 4.67 -16.86 -2.79
C LEU B 124 3.95 -17.44 -1.56
N SER B 125 2.64 -17.65 -1.67
CA SER B 125 1.88 -18.28 -0.59
C SER B 125 2.20 -19.76 -0.56
N TRP B 126 1.86 -20.44 0.54
CA TRP B 126 2.01 -21.87 0.72
C TRP B 126 1.20 -22.63 -0.34
N HIS B 127 -0.02 -22.17 -0.63
CA HIS B 127 -0.87 -22.73 -1.67
C HIS B 127 -0.14 -22.75 -3.03
N MET B 128 0.46 -21.62 -3.47
N MET B 128 0.44 -21.61 -3.48
CA MET B 128 1.22 -21.56 -4.71
CA MET B 128 1.22 -21.55 -4.73
C MET B 128 2.45 -22.48 -4.63
C MET B 128 2.45 -22.47 -4.64
N ARG B 129 3.14 -22.46 -3.47
CA ARG B 129 4.33 -23.29 -3.22
C ARG B 129 4.06 -24.81 -3.41
N CYS B 130 2.92 -25.31 -2.89
CA CYS B 130 2.44 -26.69 -3.05
C CYS B 130 2.18 -27.03 -4.50
N LYS B 131 1.51 -26.15 -5.23
CA LYS B 131 1.22 -26.31 -6.64
C LYS B 131 2.53 -26.39 -7.46
N ILE B 132 3.53 -25.58 -7.07
CA ILE B 132 4.84 -25.52 -7.75
C ILE B 132 5.64 -26.80 -7.53
N ALA B 133 5.63 -27.33 -6.30
CA ALA B 133 6.30 -28.57 -5.92
C ALA B 133 5.71 -29.73 -6.75
N GLN B 134 4.37 -29.85 -6.75
CA GLN B 134 3.62 -30.87 -7.51
C GLN B 134 3.92 -30.77 -9.01
N GLY B 135 3.89 -29.56 -9.56
CA GLY B 135 4.20 -29.30 -10.96
C GLY B 135 5.62 -29.70 -11.29
N ALA B 136 6.60 -29.28 -10.47
CA ALA B 136 8.01 -29.60 -10.71
C ALA B 136 8.28 -31.14 -10.70
N ALA B 137 7.65 -31.88 -9.76
CA ALA B 137 7.72 -33.34 -9.62
C ALA B 137 7.10 -34.04 -10.85
N ASN B 138 6.05 -33.43 -11.47
CA ASN B 138 5.42 -33.96 -12.68
C ASN B 138 6.33 -33.78 -13.89
N GLY B 139 7.13 -32.70 -13.90
CA GLY B 139 8.12 -32.43 -14.96
C GLY B 139 9.25 -33.46 -14.89
N ILE B 140 9.83 -33.68 -13.67
CA ILE B 140 10.90 -34.66 -13.42
C ILE B 140 10.42 -36.08 -13.80
N ASN B 141 9.19 -36.43 -13.41
CA ASN B 141 8.58 -37.72 -13.74
C ASN B 141 8.55 -37.94 -15.24
N PHE B 142 8.11 -36.93 -16.00
CA PHE B 142 8.08 -37.01 -17.46
C PHE B 142 9.48 -37.28 -18.03
N LEU B 143 10.50 -36.64 -17.48
CA LEU B 143 11.89 -36.83 -17.91
C LEU B 143 12.39 -38.24 -17.59
N HIS B 144 12.08 -38.73 -16.38
CA HIS B 144 12.51 -40.05 -15.91
C HIS B 144 11.78 -41.19 -16.64
N GLU B 145 10.47 -41.00 -16.94
CA GLU B 145 9.63 -41.94 -17.70
C GLU B 145 10.24 -42.14 -19.09
N ASN B 146 10.75 -41.06 -19.69
CA ASN B 146 11.37 -41.04 -21.01
C ASN B 146 12.88 -41.30 -20.93
N HIS B 147 13.33 -41.89 -19.81
CA HIS B 147 14.72 -42.29 -19.55
C HIS B 147 15.74 -41.16 -19.72
N HIS B 148 15.48 -40.01 -19.07
CA HIS B 148 16.39 -38.86 -19.09
C HIS B 148 16.73 -38.44 -17.67
N ILE B 149 17.97 -38.01 -17.47
CA ILE B 149 18.47 -37.53 -16.18
C ILE B 149 18.80 -36.05 -16.40
N HIS B 150 18.18 -35.17 -15.57
CA HIS B 150 18.37 -33.74 -15.70
C HIS B 150 19.80 -33.31 -15.40
N ARG B 151 20.33 -33.74 -14.24
CA ARG B 151 21.69 -33.44 -13.72
C ARG B 151 21.89 -32.05 -13.13
N ASP B 152 20.85 -31.17 -13.18
CA ASP B 152 20.94 -29.82 -12.61
C ASP B 152 19.58 -29.33 -12.06
N ILE B 153 18.88 -30.21 -11.31
CA ILE B 153 17.61 -29.86 -10.66
C ILE B 153 17.96 -28.88 -9.55
N LYS B 154 17.43 -27.65 -9.65
CA LYS B 154 17.61 -26.57 -8.70
C LYS B 154 16.51 -25.54 -8.92
N SER B 155 16.26 -24.72 -7.90
CA SER B 155 15.28 -23.66 -7.95
C SER B 155 15.45 -22.63 -9.10
N ALA B 156 16.72 -22.30 -9.48
CA ALA B 156 16.97 -21.41 -10.64
C ALA B 156 16.55 -22.07 -11.96
N ASN B 157 16.42 -23.43 -11.99
CA ASN B 157 16.01 -24.19 -13.18
C ASN B 157 14.52 -24.58 -13.18
N ILE B 158 13.76 -24.00 -12.25
CA ILE B 158 12.32 -24.21 -12.20
C ILE B 158 11.72 -22.85 -12.52
N LEU B 159 11.10 -22.75 -13.69
CA LEU B 159 10.52 -21.51 -14.16
C LEU B 159 9.03 -21.45 -13.99
N LEU B 160 8.52 -20.20 -13.93
CA LEU B 160 7.11 -19.98 -13.65
C LEU B 160 6.46 -19.17 -14.76
N ASP B 161 5.34 -19.69 -15.30
CA ASP B 161 4.57 -19.04 -16.38
C ASP B 161 3.54 -18.03 -15.79
N GLU B 162 2.63 -17.54 -16.66
CA GLU B 162 1.55 -16.58 -16.36
C GLU B 162 0.58 -17.12 -15.27
N ALA B 163 0.60 -18.42 -15.00
CA ALA B 163 -0.27 -18.98 -13.96
C ALA B 163 0.53 -19.53 -12.81
N PHE B 164 1.84 -19.22 -12.75
CA PHE B 164 2.78 -19.78 -11.76
C PHE B 164 2.85 -21.33 -11.83
N THR B 165 2.70 -21.88 -13.06
CA THR B 165 2.86 -23.30 -13.33
C THR B 165 4.37 -23.53 -13.41
N ALA B 166 4.86 -24.55 -12.70
CA ALA B 166 6.27 -24.89 -12.67
C ALA B 166 6.70 -25.51 -13.99
N LYS B 167 7.76 -24.98 -14.58
CA LYS B 167 8.31 -25.46 -15.84
C LYS B 167 9.82 -25.72 -15.65
N ILE B 168 10.25 -27.01 -15.74
CA ILE B 168 11.65 -27.39 -15.64
C ILE B 168 12.40 -26.90 -16.90
N SER B 169 13.52 -26.20 -16.72
CA SER B 169 14.36 -25.67 -17.81
C SER B 169 15.78 -26.28 -17.76
N ASP B 170 16.64 -25.89 -18.74
CA ASP B 170 18.05 -26.28 -18.89
C ASP B 170 18.33 -27.79 -19.00
N PHE B 171 18.48 -28.25 -20.23
CA PHE B 171 18.75 -29.66 -20.54
C PHE B 171 20.09 -29.82 -21.28
N GLY B 172 21.02 -28.86 -21.07
CA GLY B 172 22.36 -28.84 -21.66
C GLY B 172 23.21 -29.98 -21.10
N LEU B 173 23.01 -30.30 -19.80
CA LEU B 173 23.74 -31.36 -19.09
C LEU B 173 23.00 -32.70 -19.08
N ALA B 174 21.75 -32.74 -19.63
CA ALA B 174 20.90 -33.94 -19.69
C ALA B 174 21.58 -35.17 -20.30
N ARG B 175 21.29 -36.37 -19.71
CA ARG B 175 21.83 -37.66 -20.12
CA GLN B 182 22.36 -48.55 -15.47
C GLN B 182 23.16 -47.35 -14.99
N TPO B 183 23.79 -47.46 -13.80
CA TPO B 183 24.60 -46.37 -13.24
CB TPO B 183 24.68 -46.28 -11.71
CG2 TPO B 183 25.65 -45.16 -11.25
OG1 TPO B 183 23.39 -45.92 -11.18
P TPO B 183 22.72 -47.11 -10.44
O1P TPO B 183 21.41 -46.59 -9.81
O2P TPO B 183 23.61 -47.67 -9.33
O3P TPO B 183 22.39 -48.25 -11.42
C TPO B 183 25.93 -46.24 -13.96
O TPO B 183 26.73 -47.17 -13.98
N VAL B 184 26.16 -45.05 -14.57
CA VAL B 184 27.36 -44.69 -15.32
C VAL B 184 28.26 -43.82 -14.44
N MET B 185 29.55 -43.72 -14.80
CA MET B 185 30.53 -42.88 -14.11
C MET B 185 31.07 -41.87 -15.11
N TPO B 186 31.61 -40.74 -14.62
CA TPO B 186 32.15 -39.70 -15.50
CB TPO B 186 31.12 -38.73 -16.15
CG2 TPO B 186 30.43 -37.91 -15.04
OG1 TPO B 186 31.78 -37.82 -17.07
P TPO B 186 31.59 -38.09 -18.58
O1P TPO B 186 31.44 -36.75 -19.29
O2P TPO B 186 32.86 -38.71 -19.16
O3P TPO B 186 30.37 -38.96 -18.90
C TPO B 186 33.30 -38.93 -14.88
O TPO B 186 33.34 -38.71 -13.66
N SEP B 187 34.24 -38.50 -15.72
CA SEP B 187 35.39 -37.69 -15.31
CB SEP B 187 36.54 -37.87 -16.31
OG SEP B 187 36.04 -37.70 -17.66
C SEP B 187 34.98 -36.22 -15.23
O SEP B 187 35.48 -35.49 -14.35
P SEP B 187 37.04 -38.25 -18.69
O1P SEP B 187 38.37 -37.46 -18.58
O2P SEP B 187 36.46 -38.03 -20.09
O3P SEP B 187 37.25 -39.77 -18.44
N ARG B 188 34.07 -35.78 -16.12
CA ARG B 188 33.54 -34.41 -16.16
C ARG B 188 32.35 -34.30 -15.18
N ILE B 189 32.64 -33.88 -13.93
CA ILE B 189 31.62 -33.72 -12.88
C ILE B 189 30.96 -32.38 -13.07
N VAL B 190 29.64 -32.39 -13.35
CA VAL B 190 28.84 -31.18 -13.59
C VAL B 190 27.56 -31.13 -12.72
N GLY B 191 27.09 -29.91 -12.45
CA GLY B 191 25.90 -29.67 -11.64
C GLY B 191 26.17 -28.53 -10.68
N THR B 192 25.27 -28.32 -9.70
CA THR B 192 25.42 -27.24 -8.71
C THR B 192 25.62 -27.88 -7.36
N THR B 193 26.82 -27.67 -6.81
CA THR B 193 27.35 -28.22 -5.56
C THR B 193 26.33 -28.34 -4.43
N ALA B 194 25.65 -27.20 -4.12
CA ALA B 194 24.70 -27.05 -3.01
C ALA B 194 23.48 -27.93 -3.14
N TYR B 195 23.20 -28.42 -4.35
CA TYR B 195 22.05 -29.26 -4.69
C TYR B 195 22.46 -30.69 -5.01
N MET B 196 23.77 -30.94 -5.17
CA MET B 196 24.26 -32.26 -5.60
C MET B 196 24.25 -33.37 -4.57
N ALA B 197 23.83 -34.57 -5.01
CA ALA B 197 23.84 -35.82 -4.23
C ALA B 197 25.31 -36.25 -4.03
N PRO B 198 25.65 -36.97 -2.90
CA PRO B 198 27.03 -37.40 -2.67
C PRO B 198 27.64 -38.20 -3.86
N GLU B 199 26.86 -39.13 -4.46
CA GLU B 199 27.33 -39.92 -5.60
C GLU B 199 27.59 -39.11 -6.87
N ALA B 200 26.72 -38.10 -7.16
CA ALA B 200 26.87 -37.23 -8.34
C ALA B 200 28.14 -36.38 -8.20
N LEU B 201 28.51 -36.06 -6.95
CA LEU B 201 29.73 -35.30 -6.64
C LEU B 201 30.99 -36.18 -6.84
N ARG B 202 30.80 -37.51 -6.86
CA ARG B 202 31.84 -38.52 -7.06
C ARG B 202 31.96 -38.95 -8.54
N GLY B 203 31.01 -38.50 -9.40
CA GLY B 203 31.04 -38.79 -10.84
C GLY B 203 29.94 -39.72 -11.33
N GLU B 204 29.09 -40.25 -10.43
CA GLU B 204 28.00 -41.14 -10.84
C GLU B 204 26.91 -40.39 -11.60
N ILE B 205 26.22 -41.11 -12.51
CA ILE B 205 25.13 -40.57 -13.33
C ILE B 205 23.93 -41.49 -13.12
N THR B 206 22.94 -41.01 -12.34
CA THR B 206 21.73 -41.76 -11.97
C THR B 206 20.53 -40.83 -11.78
N PRO B 207 19.29 -41.28 -12.13
CA PRO B 207 18.09 -40.45 -11.90
C PRO B 207 17.86 -40.24 -10.39
N LYS B 208 18.53 -41.04 -9.54
CA LYS B 208 18.44 -40.96 -8.08
C LYS B 208 19.08 -39.66 -7.58
N SER B 209 20.01 -39.11 -8.35
CA SER B 209 20.65 -37.84 -8.03
C SER B 209 19.66 -36.67 -8.18
N ASP B 210 18.73 -36.77 -9.17
CA ASP B 210 17.67 -35.79 -9.46
C ASP B 210 16.68 -35.69 -8.29
N ILE B 211 16.39 -36.84 -7.63
CA ILE B 211 15.48 -36.93 -6.47
C ILE B 211 16.09 -36.15 -5.28
N TYR B 212 17.40 -36.34 -5.04
CA TYR B 212 18.14 -35.67 -3.97
C TYR B 212 18.10 -34.14 -4.14
N SER B 213 18.38 -33.67 -5.38
CA SER B 213 18.38 -32.26 -5.75
C SER B 213 16.97 -31.67 -5.55
N PHE B 214 15.93 -32.44 -5.87
CA PHE B 214 14.55 -32.03 -5.68
C PHE B 214 14.22 -31.88 -4.19
N GLY B 215 14.86 -32.69 -3.32
CA GLY B 215 14.74 -32.61 -1.86
C GLY B 215 15.27 -31.26 -1.34
N VAL B 216 16.37 -30.74 -1.95
CA VAL B 216 16.96 -29.45 -1.61
C VAL B 216 15.97 -28.33 -2.01
N VAL B 217 15.33 -28.45 -3.20
CA VAL B 217 14.34 -27.51 -3.74
C VAL B 217 13.14 -27.43 -2.78
N LEU B 218 12.65 -28.58 -2.28
CA LEU B 218 11.56 -28.62 -1.33
C LEU B 218 11.93 -27.90 -0.03
N LEU B 219 13.22 -27.99 0.42
CA LEU B 219 13.66 -27.26 1.63
C LEU B 219 13.68 -25.78 1.37
N GLU B 220 14.07 -25.34 0.14
CA GLU B 220 14.07 -23.94 -0.28
C GLU B 220 12.63 -23.41 -0.30
N ILE B 221 11.66 -24.23 -0.77
CA ILE B 221 10.23 -23.89 -0.81
C ILE B 221 9.69 -23.68 0.62
N ILE B 222 9.97 -24.63 1.55
CA ILE B 222 9.51 -24.55 2.94
C ILE B 222 10.10 -23.34 3.69
N THR B 223 11.40 -23.14 3.57
CA THR B 223 12.16 -22.14 4.34
C THR B 223 12.32 -20.79 3.69
N GLY B 224 12.25 -20.74 2.36
CA GLY B 224 12.49 -19.48 1.63
C GLY B 224 13.97 -19.12 1.59
N LEU B 225 14.85 -19.99 2.12
CA LEU B 225 16.30 -19.79 2.18
C LEU B 225 17.00 -20.39 0.95
N PRO B 226 18.02 -19.71 0.36
CA PRO B 226 18.76 -20.29 -0.79
C PRO B 226 19.60 -21.49 -0.31
N ALA B 227 19.78 -22.55 -1.17
CA ALA B 227 20.57 -23.77 -0.87
C ALA B 227 21.98 -23.45 -0.34
N VAL B 228 22.58 -22.33 -0.82
CA VAL B 228 23.85 -21.82 -0.36
C VAL B 228 23.76 -20.32 -0.08
N ASP B 229 24.23 -19.91 1.09
CA ASP B 229 24.33 -18.50 1.47
C ASP B 229 25.68 -18.37 2.20
N GLU B 230 26.64 -17.66 1.57
CA GLU B 230 27.98 -17.48 2.10
C GLU B 230 28.04 -16.79 3.47
N HIS B 231 27.08 -15.89 3.77
CA HIS B 231 27.00 -15.15 5.03
C HIS B 231 26.03 -15.76 6.05
N ARG B 232 25.68 -17.05 5.87
CA ARG B 232 24.76 -17.74 6.76
C ARG B 232 25.46 -18.90 7.49
N GLU B 233 24.95 -19.24 8.68
CA GLU B 233 25.40 -20.35 9.51
C GLU B 233 24.18 -21.24 9.72
N PRO B 234 24.12 -22.43 9.08
CA PRO B 234 25.14 -23.03 8.18
C PRO B 234 25.03 -22.44 6.78
N GLN B 235 26.13 -22.43 6.01
CA GLN B 235 26.15 -21.93 4.64
C GLN B 235 25.26 -22.75 3.71
N LEU B 236 25.23 -24.09 3.90
CA LEU B 236 24.45 -25.00 3.05
C LEU B 236 23.17 -25.41 3.73
N LEU B 237 22.04 -25.28 3.01
CA LEU B 237 20.69 -25.61 3.49
C LEU B 237 20.57 -27.08 3.87
N LEU B 238 21.33 -27.97 3.18
CA LEU B 238 21.40 -29.42 3.45
C LEU B 238 21.65 -29.69 4.93
N ASP B 239 22.55 -28.90 5.56
CA ASP B 239 22.92 -29.00 6.97
C ASP B 239 21.75 -28.79 7.95
N ILE B 240 20.74 -27.94 7.58
CA ILE B 240 19.55 -27.68 8.40
C ILE B 240 18.81 -28.96 8.73
N LYS B 241 18.75 -29.90 7.76
CA LYS B 241 18.12 -31.23 7.90
C LYS B 241 18.73 -32.02 9.07
N GLU B 242 20.05 -31.83 9.31
CA GLU B 242 20.77 -32.49 10.39
C GLU B 242 20.50 -31.84 11.73
N GLU B 243 20.37 -30.49 11.75
CA GLU B 243 20.03 -29.73 12.95
C GLU B 243 18.63 -30.09 13.43
N ILE B 244 17.72 -30.47 12.50
CA ILE B 244 16.37 -30.88 12.82
C ILE B 244 16.35 -32.33 13.32
N GLU B 245 17.03 -33.25 12.59
CA GLU B 245 17.14 -34.67 12.92
C GLU B 245 17.80 -34.89 14.29
N ASP B 246 18.82 -34.07 14.63
CA ASP B 246 19.52 -34.12 15.92
C ASP B 246 18.85 -33.17 16.92
N GLU B 247 17.49 -33.16 16.90
CA GLU B 247 16.48 -32.43 17.68
C GLU B 247 16.86 -31.11 18.37
N GLU B 248 17.80 -30.36 17.77
CA GLU B 248 18.23 -29.04 18.25
C GLU B 248 17.11 -28.02 17.94
N LYS B 249 16.47 -28.21 16.76
CA LYS B 249 15.39 -27.38 16.20
C LYS B 249 14.39 -28.31 15.48
N THR B 250 13.26 -27.73 15.03
CA THR B 250 12.22 -28.43 14.27
C THR B 250 11.99 -27.71 12.93
N ILE B 251 11.24 -28.33 12.00
CA ILE B 251 10.96 -27.71 10.70
C ILE B 251 10.16 -26.39 10.88
N GLU B 252 9.27 -26.35 11.89
CA GLU B 252 8.47 -25.20 12.27
C GLU B 252 9.31 -23.95 12.54
N ASP B 253 10.51 -24.12 13.10
CA ASP B 253 11.43 -23.02 13.38
C ASP B 253 12.06 -22.48 12.08
N TYR B 254 12.04 -23.28 11.01
CA TYR B 254 12.63 -22.92 9.72
C TYR B 254 11.64 -22.44 8.65
N ILE B 255 10.31 -22.69 8.85
CA ILE B 255 9.23 -22.25 7.94
C ILE B 255 9.41 -20.78 7.54
N ASP B 256 9.27 -20.50 6.24
CA ASP B 256 9.38 -19.15 5.73
C ASP B 256 8.30 -18.26 6.40
N LYS B 257 8.75 -17.18 7.02
CA LYS B 257 7.95 -16.18 7.74
C LYS B 257 7.18 -15.24 6.80
N LYS B 258 7.58 -15.20 5.51
CA LYS B 258 6.91 -14.41 4.47
C LYS B 258 5.64 -15.11 3.91
N MET B 259 4.95 -15.89 4.77
CA MET B 259 3.73 -16.64 4.44
C MET B 259 2.74 -16.51 5.57
N ASN B 260 1.45 -16.37 5.22
CA ASN B 260 0.34 -16.31 6.18
C ASN B 260 -0.56 -17.57 6.12
N ASP B 261 -0.53 -18.34 5.01
CA ASP B 261 -1.38 -19.50 4.74
C ASP B 261 -0.78 -20.88 4.96
N ALA B 262 0.38 -20.99 5.63
CA ALA B 262 0.98 -22.32 5.83
C ALA B 262 0.46 -22.99 7.09
N ASP B 263 0.13 -24.28 7.00
CA ASP B 263 -0.28 -25.06 8.19
C ASP B 263 0.76 -26.14 8.47
N SER B 264 0.94 -26.50 9.74
CA SER B 264 1.90 -27.51 10.24
C SER B 264 1.79 -28.85 9.56
N THR B 265 0.58 -29.32 9.30
CA THR B 265 0.31 -30.61 8.68
C THR B 265 0.91 -30.73 7.28
N SER B 266 0.56 -29.80 6.38
CA SER B 266 1.09 -29.83 5.01
C SER B 266 2.59 -29.50 4.95
N VAL B 267 3.08 -28.60 5.83
CA VAL B 267 4.50 -28.25 5.89
C VAL B 267 5.32 -29.49 6.29
N GLU B 268 4.90 -30.18 7.38
CA GLU B 268 5.53 -31.40 7.87
C GLU B 268 5.45 -32.52 6.85
N ALA B 269 4.34 -32.58 6.09
CA ALA B 269 4.18 -33.56 5.02
C ALA B 269 5.18 -33.26 3.89
N MET B 270 5.38 -31.97 3.53
CA MET B 270 6.36 -31.64 2.49
C MET B 270 7.80 -31.92 2.99
N TYR B 271 8.06 -31.63 4.27
CA TYR B 271 9.36 -31.87 4.87
C TYR B 271 9.72 -33.35 4.88
N SER B 272 8.74 -34.24 5.19
CA SER B 272 8.93 -35.70 5.19
C SER B 272 9.37 -36.19 3.81
N VAL B 273 8.71 -35.71 2.75
CA VAL B 273 9.05 -35.98 1.34
C VAL B 273 10.50 -35.54 1.09
N ALA B 274 10.85 -34.31 1.52
CA ALA B 274 12.21 -33.75 1.36
C ALA B 274 13.25 -34.59 2.08
N SER B 275 12.92 -35.09 3.30
CA SER B 275 13.80 -35.92 4.12
C SER B 275 14.12 -37.24 3.44
N GLN B 276 13.08 -37.87 2.88
CA GLN B 276 13.16 -39.11 2.13
C GLN B 276 14.00 -38.91 0.87
N CYS B 277 13.83 -37.76 0.19
CA CYS B 277 14.59 -37.39 -0.99
C CYS B 277 16.05 -37.21 -0.64
N LEU B 278 16.31 -36.70 0.56
CA LEU B 278 17.66 -36.39 1.05
C LEU B 278 18.48 -37.52 1.67
N HIS B 279 18.02 -38.80 1.58
CA HIS B 279 18.79 -39.95 2.08
C HIS B 279 20.13 -39.90 1.37
N GLU B 280 21.23 -39.99 2.12
CA GLU B 280 22.57 -39.95 1.51
C GLU B 280 22.84 -41.23 0.68
N LYS B 281 22.12 -42.32 1.01
CA LYS B 281 22.20 -43.62 0.34
C LYS B 281 21.18 -43.64 -0.80
N LYS B 282 21.66 -43.42 -2.04
CA LYS B 282 20.87 -43.34 -3.28
C LYS B 282 19.75 -44.36 -3.44
N ASN B 283 19.94 -45.59 -2.91
CA ASN B 283 18.95 -46.67 -3.03
C ASN B 283 17.83 -46.60 -2.01
N LYS B 284 18.01 -45.79 -0.94
CA LYS B 284 17.01 -45.58 0.11
C LYS B 284 15.95 -44.55 -0.33
N ARG B 285 16.35 -43.60 -1.22
CA ARG B 285 15.49 -42.53 -1.75
C ARG B 285 14.32 -43.08 -2.53
N PRO B 286 13.15 -42.39 -2.50
CA PRO B 286 12.00 -42.84 -3.30
C PRO B 286 12.22 -42.48 -4.77
N ASP B 287 11.48 -43.13 -5.67
CA ASP B 287 11.54 -42.80 -7.09
C ASP B 287 10.56 -41.63 -7.30
N ILE B 288 10.66 -40.95 -8.46
CA ILE B 288 9.81 -39.80 -8.77
C ILE B 288 8.29 -40.04 -8.64
N LYS B 289 7.81 -41.23 -9.04
CA LYS B 289 6.39 -41.58 -8.96
C LYS B 289 5.89 -41.63 -7.50
N LYS B 290 6.76 -42.03 -6.55
CA LYS B 290 6.43 -42.07 -5.12
C LYS B 290 6.42 -40.62 -4.58
N VAL B 291 7.33 -39.77 -5.11
CA VAL B 291 7.44 -38.36 -4.73
C VAL B 291 6.13 -37.63 -5.09
N GLN B 292 5.60 -37.87 -6.32
CA GLN B 292 4.35 -37.30 -6.83
C GLN B 292 3.19 -37.72 -5.93
N GLN B 293 3.09 -39.04 -5.64
CA GLN B 293 2.03 -39.62 -4.79
C GLN B 293 1.99 -38.91 -3.45
N LEU B 294 3.16 -38.82 -2.80
CA LEU B 294 3.31 -38.18 -1.49
C LEU B 294 2.91 -36.69 -1.52
N LEU B 295 3.33 -35.96 -2.57
CA LEU B 295 3.00 -34.54 -2.75
C LEU B 295 1.51 -34.35 -3.02
N GLN B 296 0.88 -35.30 -3.73
CA GLN B 296 -0.55 -35.25 -4.02
C GLN B 296 -1.40 -35.51 -2.77
N GLU B 297 -0.95 -36.43 -1.89
CA GLU B 297 -1.60 -36.79 -0.62
C GLU B 297 -1.59 -35.60 0.34
N MET B 298 -0.52 -34.79 0.26
CA MET B 298 -0.28 -33.58 1.06
C MET B 298 -1.40 -32.53 0.88
N THR B 299 -1.92 -32.38 -0.35
CA THR B 299 -3.00 -31.43 -0.68
C THR B 299 -4.41 -32.03 -0.54
N ALA B 300 -4.55 -33.37 -0.55
CA ALA B 300 -5.83 -34.08 -0.42
N ARG C 5 -6.95 15.90 25.16
CA ARG C 5 -7.67 15.36 26.31
C ARG C 5 -7.71 13.83 26.27
N PHE C 6 -6.94 13.17 27.15
CA PHE C 6 -6.90 11.70 27.23
C PHE C 6 -8.14 11.16 27.87
N HIS C 7 -8.71 10.09 27.29
CA HIS C 7 -9.88 9.46 27.88
C HIS C 7 -9.41 8.54 28.99
N SER C 8 -9.61 8.96 30.25
CA SER C 8 -9.25 8.16 31.41
C SER C 8 -10.19 6.96 31.47
N PHE C 9 -9.65 5.77 31.18
CA PHE C 9 -10.37 4.52 31.18
C PHE C 9 -10.31 3.90 32.55
N SER C 10 -11.34 3.11 32.91
CA SER C 10 -11.34 2.32 34.14
C SER C 10 -10.73 0.99 33.67
N PHE C 11 -10.10 0.24 34.58
CA PHE C 11 -9.45 -1.03 34.24
C PHE C 11 -10.44 -2.07 33.69
N TYR C 12 -11.68 -2.05 34.22
CA TYR C 12 -12.76 -2.94 33.79
C TYR C 12 -13.25 -2.52 32.41
N GLU C 13 -13.22 -1.19 32.11
CA GLU C 13 -13.63 -0.63 30.80
C GLU C 13 -12.75 -1.20 29.71
N LEU C 14 -11.42 -1.27 29.99
CA LEU C 14 -10.39 -1.83 29.09
C LEU C 14 -10.46 -3.31 28.95
N LYS C 15 -10.85 -4.02 30.05
CA LYS C 15 -11.10 -5.46 30.08
C LYS C 15 -12.17 -5.70 29.01
N ASN C 16 -13.20 -4.81 28.98
CA ASN C 16 -14.31 -4.80 28.02
C ASN C 16 -13.91 -4.25 26.64
N VAL C 17 -12.77 -3.56 26.54
CA VAL C 17 -12.23 -3.06 25.25
C VAL C 17 -11.40 -4.18 24.56
N THR C 18 -10.66 -4.99 25.40
CA THR C 18 -9.69 -6.00 24.98
C THR C 18 -10.11 -7.47 24.82
N ASN C 19 -11.40 -7.81 25.15
CA ASN C 19 -11.95 -9.17 25.15
C ASN C 19 -11.24 -9.90 26.32
N ASN C 20 -11.13 -9.15 27.47
CA ASN C 20 -10.47 -9.52 28.73
C ASN C 20 -8.95 -9.83 28.57
N PHE C 21 -8.34 -9.32 27.48
CA PHE C 21 -6.94 -9.45 27.04
C PHE C 21 -6.64 -10.84 26.38
N ASP C 22 -7.27 -11.12 25.20
CA ASP C 22 -7.14 -12.35 24.38
C ASP C 22 -5.72 -12.50 23.76
N GLU C 23 -5.29 -13.76 23.39
CA GLU C 23 -3.93 -14.05 22.87
C GLU C 23 -3.77 -14.58 21.42
N ARG C 24 -4.88 -14.83 20.71
CA ARG C 24 -4.90 -15.38 19.35
C ARG C 24 -4.35 -14.40 18.25
N PRO C 25 -3.66 -14.91 17.17
CA PRO C 25 -3.16 -13.99 16.13
C PRO C 25 -4.30 -13.59 15.17
N ILE C 26 -4.24 -12.35 14.65
CA ILE C 26 -5.22 -11.79 13.71
C ILE C 26 -5.33 -12.57 12.39
N SER C 27 -4.20 -13.13 11.91
CA SER C 27 -4.08 -13.92 10.67
C SER C 27 -5.06 -15.11 10.60
N VAL C 28 -5.45 -15.67 11.77
CA VAL C 28 -6.40 -16.79 11.90
C VAL C 28 -7.75 -16.37 12.56
N GLY C 29 -7.90 -15.07 12.86
CA GLY C 29 -9.10 -14.51 13.49
C GLY C 29 -8.95 -14.43 15.01
N GLY C 30 -8.09 -13.52 15.51
CA GLY C 30 -7.82 -13.33 16.94
C GLY C 30 -7.54 -11.87 17.34
N ASN C 31 -6.91 -11.67 18.52
CA ASN C 31 -6.58 -10.35 19.07
C ASN C 31 -5.08 -9.95 19.10
N LYS C 32 -4.28 -10.53 20.04
CA LYS C 32 -2.85 -10.24 20.31
C LYS C 32 -1.95 -9.77 19.16
N MET C 33 -1.06 -8.79 19.47
CA MET C 33 -0.15 -8.12 18.54
C MET C 33 1.33 -8.38 18.82
N GLY C 34 1.76 -8.31 20.10
CA GLY C 34 3.16 -8.53 20.48
C GLY C 34 3.49 -8.05 21.91
N GLU C 35 4.80 -7.86 22.17
CA GLU C 35 5.36 -7.41 23.45
C GLU C 35 6.65 -6.64 23.20
N GLY C 36 6.83 -5.50 23.88
CA GLY C 36 8.01 -4.65 23.70
C GLY C 36 8.51 -4.00 24.99
N GLY C 37 8.39 -2.65 25.05
CA GLY C 37 8.85 -1.79 26.14
C GLY C 37 8.12 -2.02 27.46
N PHE C 38 8.29 -3.23 28.00
CA PHE C 38 7.72 -3.74 29.25
C PHE C 38 6.20 -3.76 29.26
N GLY C 39 5.64 -4.82 28.68
CA GLY C 39 4.22 -5.04 28.59
C GLY C 39 3.82 -5.63 27.25
N VAL C 40 2.70 -6.35 27.26
CA VAL C 40 2.11 -7.01 26.10
C VAL C 40 1.07 -6.08 25.43
N VAL C 41 1.06 -6.06 24.07
CA VAL C 41 0.19 -5.22 23.23
C VAL C 41 -0.98 -6.04 22.67
N TYR C 42 -2.22 -5.54 22.84
CA TYR C 42 -3.46 -6.19 22.37
C TYR C 42 -4.30 -5.26 21.49
N LYS C 43 -4.92 -5.83 20.45
CA LYS C 43 -5.83 -5.10 19.56
C LYS C 43 -7.16 -4.93 20.32
N GLY C 44 -7.83 -3.78 20.13
CA GLY C 44 -9.09 -3.46 20.80
C GLY C 44 -10.02 -2.63 19.94
N TYR C 45 -11.25 -2.44 20.42
CA TYR C 45 -12.27 -1.66 19.70
C TYR C 45 -13.03 -0.73 20.66
N VAL C 46 -13.09 0.58 20.36
CA VAL C 46 -13.84 1.57 21.14
C VAL C 46 -14.78 2.25 20.12
N ASN C 47 -16.06 1.80 20.10
CA ASN C 47 -17.15 2.21 19.19
C ASN C 47 -16.84 1.60 17.83
N ASN C 48 -16.25 2.40 16.92
CA ASN C 48 -15.84 1.97 15.59
C ASN C 48 -14.37 2.32 15.35
N THR C 49 -13.66 2.74 16.41
CA THR C 49 -12.24 3.08 16.39
C THR C 49 -11.46 1.85 16.83
N THR C 50 -10.52 1.37 15.99
CA THR C 50 -9.66 0.24 16.31
C THR C 50 -8.50 0.79 17.12
N VAL C 51 -8.22 0.20 18.28
CA VAL C 51 -7.18 0.64 19.20
C VAL C 51 -6.14 -0.46 19.46
N ALA C 52 -5.09 -0.10 20.21
CA ALA C 52 -4.00 -0.97 20.63
C ALA C 52 -3.80 -0.69 22.12
N VAL C 53 -3.97 -1.72 22.97
CA VAL C 53 -3.81 -1.55 24.40
C VAL C 53 -2.53 -2.24 24.88
N LYS C 54 -1.65 -1.47 25.50
CA LYS C 54 -0.39 -1.94 26.02
C LYS C 54 -0.53 -2.14 27.55
N LYS C 55 -0.68 -3.42 27.97
CA LYS C 55 -0.78 -3.83 29.39
C LYS C 55 0.62 -4.13 29.92
N LEU C 56 1.14 -3.20 30.73
CA LEU C 56 2.45 -3.27 31.35
C LEU C 56 2.54 -4.42 32.36
CA ILE C 62 11.41 -5.33 35.69
C ILE C 62 10.71 -5.54 37.03
N THR C 63 10.88 -4.60 37.97
CA THR C 63 10.28 -4.66 39.33
C THR C 63 8.92 -3.93 39.39
N THR C 64 8.27 -3.93 40.58
CA THR C 64 6.98 -3.27 40.84
C THR C 64 7.10 -1.76 40.68
N GLU C 65 8.24 -1.20 41.15
CA GLU C 65 8.55 0.23 41.07
C GLU C 65 8.92 0.62 39.63
N GLU C 66 9.72 -0.24 38.95
CA GLU C 66 10.19 -0.07 37.57
C GLU C 66 9.07 -0.06 36.52
N LEU C 67 8.07 -0.94 36.66
CA LEU C 67 6.94 -1.08 35.74
C LEU C 67 5.94 0.10 35.81
N LYS C 68 5.95 0.87 36.92
CA LYS C 68 5.05 2.02 37.10
C LYS C 68 5.62 3.36 36.59
N GLN C 69 6.93 3.58 36.77
CA GLN C 69 7.58 4.83 36.35
C GLN C 69 7.65 5.02 34.83
N GLN C 70 7.64 3.91 34.07
CA GLN C 70 7.64 3.88 32.60
C GLN C 70 6.27 4.30 32.07
N PHE C 71 5.21 3.94 32.82
CA PHE C 71 3.80 4.25 32.50
C PHE C 71 3.52 5.75 32.71
N ASP C 72 3.92 6.32 33.86
CA ASP C 72 3.75 7.74 34.22
C ASP C 72 4.54 8.69 33.30
N GLN C 73 5.70 8.22 32.81
CA GLN C 73 6.58 8.95 31.90
C GLN C 73 5.87 9.05 30.53
N GLU C 74 5.41 7.89 30.01
CA GLU C 74 4.70 7.75 28.73
C GLU C 74 3.51 8.71 28.60
N ILE C 75 2.67 8.83 29.66
CA ILE C 75 1.49 9.71 29.69
C ILE C 75 1.93 11.18 29.67
N LYS C 76 2.88 11.54 30.55
CA LYS C 76 3.41 12.91 30.66
C LYS C 76 4.10 13.37 29.36
N VAL C 77 4.78 12.42 28.66
CA VAL C 77 5.46 12.65 27.38
C VAL C 77 4.40 12.81 26.28
N MET C 78 3.43 11.88 26.20
CA MET C 78 2.36 11.92 25.21
C MET C 78 1.41 13.10 25.36
N ALA C 79 1.26 13.63 26.59
CA ALA C 79 0.41 14.78 26.87
C ALA C 79 0.97 16.01 26.19
N LYS C 80 2.31 16.14 26.22
CA LYS C 80 3.05 17.25 25.62
C LYS C 80 3.31 16.99 24.12
N CYS C 81 3.70 15.75 23.78
CA CYS C 81 4.08 15.34 22.44
C CYS C 81 2.98 14.83 21.52
N GLN C 82 2.50 15.70 20.63
CA GLN C 82 1.49 15.43 19.61
C GLN C 82 2.08 15.82 18.27
N HIS C 83 2.32 14.80 17.40
CA HIS C 83 2.93 14.99 16.09
C HIS C 83 2.49 13.88 15.13
N GLU C 84 2.44 14.18 13.82
CA GLU C 84 2.03 13.23 12.79
C GLU C 84 2.97 12.03 12.64
N ASN C 85 4.20 12.11 13.17
CA ASN C 85 5.18 11.02 13.11
C ASN C 85 5.42 10.34 14.43
N LEU C 86 4.44 10.43 15.36
CA LEU C 86 4.45 9.76 16.65
C LEU C 86 3.12 9.09 16.81
N VAL C 87 3.09 7.91 17.42
CA VAL C 87 1.84 7.20 17.66
C VAL C 87 1.00 8.05 18.63
N GLU C 88 -0.32 8.08 18.45
CA GLU C 88 -1.16 8.87 19.32
C GLU C 88 -1.71 8.04 20.47
N LEU C 89 -1.55 8.52 21.70
CA LEU C 89 -2.09 7.89 22.90
C LEU C 89 -3.50 8.43 23.08
N LEU C 90 -4.47 7.54 23.18
CA LEU C 90 -5.88 7.92 23.34
C LEU C 90 -6.29 8.01 24.80
N GLY C 91 -5.84 7.06 25.64
CA GLY C 91 -6.13 7.06 27.07
C GLY C 91 -5.22 6.18 27.92
N PHE C 92 -5.51 6.14 29.23
CA PHE C 92 -4.76 5.40 30.25
C PHE C 92 -5.68 4.89 31.37
N SER C 93 -5.19 3.90 32.18
CA SER C 93 -5.90 3.34 33.34
C SER C 93 -4.89 2.96 34.43
N SER C 94 -5.08 3.46 35.67
CA SER C 94 -4.18 3.21 36.80
C SER C 94 -4.82 2.43 37.94
N ASP C 95 -6.16 2.52 38.06
CA ASP C 95 -6.99 1.90 39.10
C ASP C 95 -6.86 0.37 39.20
N LEU C 99 -1.65 -1.51 35.00
CA LEU C 99 -1.47 -0.25 34.28
C LEU C 99 -1.58 -0.48 32.77
N CYS C 100 -2.42 0.35 32.09
CA CYS C 100 -2.66 0.24 30.65
C CYS C 100 -2.57 1.54 29.89
N LEU C 101 -2.11 1.46 28.62
CA LEU C 101 -1.98 2.60 27.71
C LEU C 101 -2.73 2.27 26.42
N VAL C 102 -3.60 3.19 25.95
CA VAL C 102 -4.40 2.97 24.74
C VAL C 102 -3.95 3.88 23.61
N TYR C 103 -3.75 3.31 22.41
CA TYR C 103 -3.24 4.04 21.25
C TYR C 103 -4.09 3.85 20.03
N VAL C 104 -3.88 4.68 19.01
CA VAL C 104 -4.55 4.54 17.71
C VAL C 104 -3.86 3.33 17.05
N TYR C 105 -4.65 2.40 16.51
CA TYR C 105 -4.17 1.20 15.84
C TYR C 105 -3.54 1.54 14.50
N MET C 106 -2.34 0.97 14.27
CA MET C 106 -1.52 1.17 13.07
C MET C 106 -1.70 -0.07 12.23
N PRO C 107 -2.50 0.00 11.13
CA PRO C 107 -2.79 -1.19 10.32
C PRO C 107 -1.56 -1.92 9.75
N ASN C 108 -0.54 -1.15 9.26
CA ASN C 108 0.63 -1.73 8.63
C ASN C 108 1.75 -2.26 9.52
N GLY C 109 1.51 -2.37 10.86
CA GLY C 109 2.48 -2.86 11.84
C GLY C 109 3.80 -2.03 11.90
N SER C 110 4.91 -2.73 12.19
CA SER C 110 6.22 -2.14 12.31
C SER C 110 7.03 -2.11 11.04
N LEU C 111 8.05 -1.23 11.01
CA LEU C 111 8.98 -1.14 9.88
C LEU C 111 9.79 -2.44 9.81
N LEU C 112 10.05 -3.05 10.98
CA LEU C 112 10.80 -4.31 11.08
C LEU C 112 10.07 -5.42 10.30
N ASP C 113 8.78 -5.60 10.60
CA ASP C 113 7.90 -6.60 10.00
C ASP C 113 7.66 -6.36 8.51
N ARG C 114 7.68 -5.10 8.10
CA ARG C 114 7.53 -4.76 6.69
C ARG C 114 8.80 -4.95 5.93
N LEU C 115 9.95 -4.71 6.60
CA LEU C 115 11.25 -4.93 5.95
C LEU C 115 11.50 -6.43 5.77
N SER C 116 10.95 -7.26 6.68
CA SER C 116 11.11 -8.71 6.59
C SER C 116 9.99 -9.40 5.77
N CYS C 117 8.96 -8.64 5.35
CA CYS C 117 7.77 -9.10 4.61
C CYS C 117 7.00 -10.14 5.41
N LEU C 118 6.95 -9.91 6.73
CA LEU C 118 6.25 -10.81 7.64
C LEU C 118 4.79 -11.01 7.21
N ASP C 119 4.37 -12.27 7.18
CA ASP C 119 2.99 -12.66 6.83
C ASP C 119 2.61 -12.45 5.36
N GLY C 120 3.61 -12.34 4.49
CA GLY C 120 3.41 -12.28 3.05
C GLY C 120 3.14 -10.94 2.47
N THR C 121 3.43 -9.87 3.23
CA THR C 121 3.24 -8.50 2.75
C THR C 121 4.26 -8.19 1.63
N PRO C 122 3.92 -7.30 0.66
CA PRO C 122 4.91 -7.03 -0.43
C PRO C 122 6.11 -6.19 0.04
N PRO C 123 7.30 -6.45 -0.51
CA PRO C 123 8.50 -5.63 -0.16
C PRO C 123 8.21 -4.14 -0.35
N LEU C 124 8.75 -3.27 0.53
CA LEU C 124 8.56 -1.83 0.41
C LEU C 124 9.44 -1.32 -0.74
N SER C 125 8.93 -0.42 -1.57
CA SER C 125 9.73 0.16 -2.65
C SER C 125 10.66 1.16 -2.03
N TRP C 126 11.68 1.59 -2.79
CA TRP C 126 12.65 2.60 -2.41
C TRP C 126 11.95 3.91 -2.13
N HIS C 127 10.98 4.27 -2.97
CA HIS C 127 10.18 5.47 -2.82
C HIS C 127 9.50 5.50 -1.45
N MET C 128 8.82 4.38 -1.05
CA MET C 128 8.20 4.33 0.27
C MET C 128 9.24 4.35 1.39
N ARG C 129 10.37 3.62 1.20
CA ARG C 129 11.43 3.59 2.21
C ARG C 129 11.95 5.00 2.54
N CYS C 130 12.17 5.86 1.47
CA CYS C 130 12.61 7.25 1.58
C CYS C 130 11.60 8.08 2.37
N LYS C 131 10.34 7.93 2.08
CA LYS C 131 9.24 8.62 2.77
C LYS C 131 9.21 8.23 4.26
N ILE C 132 9.50 6.94 4.56
CA ILE C 132 9.51 6.39 5.93
C ILE C 132 10.69 6.92 6.74
N ALA C 133 11.86 7.04 6.11
CA ALA C 133 13.09 7.57 6.71
C ALA C 133 12.85 9.03 7.08
N GLN C 134 12.35 9.82 6.13
CA GLN C 134 12.00 11.25 6.31
C GLN C 134 10.96 11.44 7.41
N GLY C 135 9.92 10.64 7.42
CA GLY C 135 8.87 10.65 8.45
C GLY C 135 9.45 10.33 9.80
N ALA C 136 10.24 9.24 9.93
CA ALA C 136 10.83 8.84 11.20
C ALA C 136 11.75 9.94 11.79
N ALA C 137 12.57 10.63 10.94
CA ALA C 137 13.48 11.71 11.35
C ALA C 137 12.68 12.89 11.82
N ASN C 138 11.52 13.18 11.18
CA ASN C 138 10.64 14.28 11.61
C ASN C 138 10.06 14.01 12.99
N GLY C 139 9.79 12.72 13.32
CA GLY C 139 9.29 12.30 14.63
C GLY C 139 10.39 12.53 15.68
N ILE C 140 11.62 12.05 15.42
CA ILE C 140 12.79 12.22 16.31
C ILE C 140 13.09 13.72 16.54
N ASN C 141 13.06 14.53 15.47
CA ASN C 141 13.25 15.97 15.54
C ASN C 141 12.25 16.60 16.50
N PHE C 142 10.96 16.26 16.38
CA PHE C 142 9.92 16.76 17.28
C PHE C 142 10.25 16.42 18.74
N LEU C 143 10.73 15.21 19.01
CA LEU C 143 11.09 14.76 20.36
C LEU C 143 12.31 15.55 20.89
N HIS C 144 13.33 15.75 20.03
CA HIS C 144 14.57 16.46 20.39
C HIS C 144 14.33 17.96 20.59
N GLU C 145 13.46 18.57 19.76
CA GLU C 145 13.05 19.98 19.84
C GLU C 145 12.39 20.24 21.19
N ASN C 146 11.59 19.28 21.68
CA ASN C 146 10.88 19.32 22.94
C ASN C 146 11.72 18.75 24.09
N HIS C 147 13.05 18.64 23.88
CA HIS C 147 14.04 18.18 24.85
C HIS C 147 13.75 16.79 25.41
N HIS C 148 13.49 15.81 24.53
CA HIS C 148 13.24 14.42 24.93
C HIS C 148 14.19 13.49 24.20
N ILE C 149 14.62 12.44 24.89
CA ILE C 149 15.51 11.41 24.36
C ILE C 149 14.70 10.13 24.38
N HIS C 150 14.59 9.48 23.20
CA HIS C 150 13.80 8.27 23.05
C HIS C 150 14.39 7.11 23.83
N ARG C 151 15.69 6.83 23.61
CA ARG C 151 16.50 5.75 24.23
C ARG C 151 16.26 4.34 23.66
N ASP C 152 15.32 4.18 22.70
CA ASP C 152 15.03 2.88 22.08
C ASP C 152 14.56 3.03 20.59
N ILE C 153 15.26 3.86 19.82
CA ILE C 153 15.01 4.05 18.39
C ILE C 153 15.46 2.75 17.72
N LYS C 154 14.51 2.06 17.07
CA LYS C 154 14.71 0.81 16.36
C LYS C 154 13.52 0.62 15.42
N SER C 155 13.66 -0.22 14.40
CA SER C 155 12.62 -0.46 13.41
C SER C 155 11.38 -1.14 13.99
N ALA C 156 11.50 -1.96 15.05
CA ALA C 156 10.30 -2.49 15.74
C ALA C 156 9.48 -1.36 16.43
N ASN C 157 10.12 -0.18 16.70
CA ASN C 157 9.49 0.98 17.34
C ASN C 157 9.08 2.07 16.34
N ILE C 158 9.14 1.73 15.04
CA ILE C 158 8.68 2.64 14.00
C ILE C 158 7.47 1.95 13.41
N LEU C 159 6.31 2.53 13.64
CA LEU C 159 5.04 1.96 13.18
C LEU C 159 4.50 2.65 11.95
N LEU C 160 3.66 1.93 11.19
CA LEU C 160 3.11 2.40 9.92
C LEU C 160 1.60 2.39 9.88
N ASP C 161 0.99 3.54 9.48
CA ASP C 161 -0.47 3.68 9.36
C ASP C 161 -0.90 3.15 7.95
N GLU C 162 -2.20 3.26 7.64
CA GLU C 162 -2.84 2.85 6.37
C GLU C 162 -2.12 3.40 5.10
N ALA C 163 -1.52 4.62 5.18
CA ALA C 163 -0.75 5.33 4.14
C ALA C 163 0.78 5.07 4.18
N PHE C 164 1.22 4.24 5.12
CA PHE C 164 2.64 3.96 5.38
C PHE C 164 3.42 5.20 5.95
N THR C 165 2.74 6.02 6.74
CA THR C 165 3.37 7.17 7.41
C THR C 165 4.07 6.59 8.65
N ALA C 166 5.36 6.93 8.82
CA ALA C 166 6.18 6.45 9.95
C ALA C 166 5.71 7.12 11.23
N LYS C 167 5.46 6.31 12.27
CA LYS C 167 5.03 6.79 13.58
C LYS C 167 5.94 6.16 14.66
N ILE C 168 6.74 7.01 15.35
CA ILE C 168 7.62 6.57 16.43
C ILE C 168 6.75 6.16 17.64
N SER C 169 6.96 4.96 18.17
CA SER C 169 6.24 4.43 19.34
C SER C 169 7.20 4.18 20.53
N ASP C 170 6.64 3.69 21.66
CA ASP C 170 7.31 3.31 22.90
C ASP C 170 8.16 4.42 23.56
N PHE C 171 7.57 5.10 24.54
CA PHE C 171 8.23 6.18 25.27
C PHE C 171 8.34 5.83 26.78
N GLY C 172 8.36 4.52 27.10
CA GLY C 172 8.48 4.01 28.47
C GLY C 172 9.88 4.33 29.04
N LEU C 173 10.92 4.32 28.17
CA LEU C 173 12.30 4.59 28.54
C LEU C 173 12.72 6.05 28.33
N ALA C 174 11.81 6.87 27.75
CA ALA C 174 12.05 8.29 27.44
C ALA C 174 12.56 9.13 28.63
N ARG C 175 13.50 10.06 28.35
CA ARG C 175 14.11 10.96 29.33
C ARG C 175 14.16 12.39 28.82
N ALA C 176 13.91 13.36 29.71
CA ALA C 176 13.96 14.79 29.38
C ALA C 176 15.42 15.30 29.39
N SER C 177 15.72 16.36 28.62
CA SER C 177 17.05 16.98 28.50
C SER C 177 17.00 18.51 28.65
N GLU C 178 18.17 19.19 28.50
CA GLU C 178 18.31 20.64 28.61
N TPO C 183 24.92 16.09 29.41
CA TPO C 183 25.00 14.63 29.37
CB TPO C 183 26.11 14.05 28.47
CG2 TPO C 183 26.24 12.52 28.65
OG1 TPO C 183 25.75 14.27 27.09
P TPO C 183 26.63 15.34 26.40
O1P TPO C 183 26.33 16.72 27.03
O2P TPO C 183 26.27 15.40 24.92
O3P TPO C 183 28.12 15.05 26.52
C TPO C 183 24.94 14.05 30.78
O TPO C 183 25.76 14.41 31.63
N VAL C 184 23.97 13.17 31.02
CA VAL C 184 23.71 12.49 32.29
C VAL C 184 24.28 11.06 32.22
N MET C 185 24.50 10.42 33.37
CA MET C 185 24.98 9.05 33.48
C MET C 185 23.92 8.26 34.23
N TPO C 186 23.86 6.93 34.03
CA TPO C 186 22.86 6.10 34.71
CB TPO C 186 21.46 5.93 33.98
CG2 TPO C 186 21.66 5.24 32.61
OG1 TPO C 186 20.52 5.10 34.75
P TPO C 186 19.44 5.84 35.58
O1P TPO C 186 19.30 7.35 35.32
O2P TPO C 186 18.08 5.20 35.41
O3P TPO C 186 19.83 5.56 37.03
C TPO C 186 23.39 4.72 35.03
O TPO C 186 24.18 4.16 34.27
N SEP C 187 22.93 4.16 36.15
CA SEP C 187 23.27 2.83 36.57
CB SEP C 187 22.94 2.70 38.07
OG SEP C 187 21.62 3.21 38.35
C SEP C 187 22.44 1.83 35.77
O SEP C 187 22.92 0.75 35.43
P SEP C 187 21.40 3.40 39.87
O1P SEP C 187 22.35 4.54 40.33
O2P SEP C 187 19.93 3.83 40.09
O3P SEP C 187 21.67 2.07 40.63
N ARG C 188 21.16 2.20 35.51
CA ARG C 188 20.19 1.39 34.76
C ARG C 188 20.39 1.60 33.25
N ILE C 189 21.20 0.71 32.64
CA ILE C 189 21.48 0.75 31.20
C ILE C 189 20.36 0.02 30.48
N VAL C 190 19.59 0.77 29.66
CA VAL C 190 18.46 0.24 28.90
C VAL C 190 18.52 0.59 27.41
N GLY C 191 17.87 -0.25 26.57
CA GLY C 191 17.81 -0.07 25.12
C GLY C 191 18.03 -1.40 24.45
N THR C 192 18.24 -1.39 23.14
CA THR C 192 18.46 -2.63 22.37
C THR C 192 19.88 -2.60 21.82
N THR C 193 20.69 -3.54 22.30
CA THR C 193 22.13 -3.69 22.06
C THR C 193 22.56 -3.40 20.65
N ALA C 194 21.91 -4.07 19.65
CA ALA C 194 22.23 -3.99 18.23
C ALA C 194 22.07 -2.60 17.63
N TYR C 195 21.30 -1.75 18.31
CA TYR C 195 21.01 -0.37 17.89
C TYR C 195 21.70 0.66 18.76
N MET C 196 22.28 0.24 19.90
CA MET C 196 22.89 1.17 20.87
C MET C 196 24.23 1.77 20.53
N ALA C 197 24.37 3.08 20.79
CA ALA C 197 25.60 3.84 20.62
C ALA C 197 26.62 3.39 21.71
N PRO C 198 27.97 3.46 21.44
CA PRO C 198 28.96 3.03 22.45
C PRO C 198 28.78 3.73 23.82
N GLU C 199 28.50 5.05 23.82
CA GLU C 199 28.27 5.80 25.07
C GLU C 199 27.01 5.38 25.85
N ALA C 200 25.90 5.07 25.15
CA ALA C 200 24.65 4.64 25.77
C ALA C 200 24.85 3.27 26.40
N LEU C 201 25.76 2.45 25.84
CA LEU C 201 26.10 1.12 26.38
C LEU C 201 26.96 1.27 27.66
N ARG C 202 27.58 2.46 27.83
CA ARG C 202 28.41 2.80 28.98
C ARG C 202 27.61 3.51 30.09
N GLY C 203 26.34 3.88 29.82
CA GLY C 203 25.47 4.52 30.81
C GLY C 203 25.12 5.97 30.54
N GLU C 204 25.69 6.57 29.47
CA GLU C 204 25.40 7.96 29.16
C GLU C 204 23.98 8.12 28.62
N ILE C 205 23.40 9.31 28.83
CA ILE C 205 22.06 9.67 28.37
C ILE C 205 22.19 10.97 27.59
N THR C 206 22.10 10.86 26.26
CA THR C 206 22.25 11.98 25.32
C THR C 206 21.38 11.78 24.05
N PRO C 207 20.84 12.87 23.46
CA PRO C 207 20.06 12.74 22.22
C PRO C 207 20.94 12.24 21.07
N LYS C 208 22.28 12.31 21.24
CA LYS C 208 23.27 11.86 20.25
C LYS C 208 23.20 10.34 20.09
N SER C 209 22.74 9.64 21.12
CA SER C 209 22.56 8.19 21.09
C SER C 209 21.40 7.80 20.15
N ASP C 210 20.34 8.65 20.09
CA ASP C 210 19.14 8.47 19.22
C ASP C 210 19.53 8.58 17.74
N ILE C 211 20.51 9.46 17.40
CA ILE C 211 21.04 9.66 16.04
C ILE C 211 21.72 8.37 15.56
N TYR C 212 22.56 7.78 16.44
CA TYR C 212 23.29 6.55 16.16
C TYR C 212 22.32 5.39 15.85
N SER C 213 21.29 5.22 16.71
CA SER C 213 20.25 4.20 16.57
C SER C 213 19.48 4.40 15.25
N PHE C 214 19.21 5.65 14.88
CA PHE C 214 18.56 5.98 13.62
C PHE C 214 19.44 5.61 12.42
N GLY C 215 20.79 5.66 12.58
CA GLY C 215 21.77 5.25 11.56
C GLY C 215 21.64 3.77 11.29
N VAL C 216 21.41 2.94 12.34
CA VAL C 216 21.20 1.49 12.22
C VAL C 216 19.89 1.22 11.45
N VAL C 217 18.82 2.02 11.73
CA VAL C 217 17.49 1.91 11.09
C VAL C 217 17.65 2.21 9.58
N LEU C 218 18.42 3.26 9.22
CA LEU C 218 18.68 3.59 7.83
C LEU C 218 19.42 2.45 7.11
N LEU C 219 20.33 1.71 7.80
CA LEU C 219 21.02 0.57 7.20
C LEU C 219 20.04 -0.57 6.98
N GLU C 220 19.08 -0.73 7.90
CA GLU C 220 18.03 -1.75 7.79
C GLU C 220 17.16 -1.43 6.57
N ILE C 221 16.81 -0.14 6.38
CA ILE C 221 16.00 0.34 5.25
C ILE C 221 16.72 0.05 3.92
N ILE C 222 18.02 0.39 3.82
CA ILE C 222 18.83 0.16 2.61
C ILE C 222 18.98 -1.32 2.26
N THR C 223 19.32 -2.13 3.24
CA THR C 223 19.66 -3.56 3.07
C THR C 223 18.52 -4.53 3.24
N GLY C 224 17.48 -4.16 3.99
CA GLY C 224 16.40 -5.09 4.30
C GLY C 224 16.79 -6.14 5.32
N LEU C 225 18.01 -6.06 5.89
CA LEU C 225 18.54 -7.01 6.90
C LEU C 225 18.24 -6.57 8.32
N PRO C 226 17.93 -7.48 9.26
CA PRO C 226 17.70 -7.09 10.67
C PRO C 226 19.03 -6.66 11.34
N ALA C 227 19.01 -5.73 12.33
CA ALA C 227 20.18 -5.17 13.02
C ALA C 227 21.05 -6.25 13.60
N VAL C 228 20.40 -7.31 14.10
CA VAL C 228 21.05 -8.48 14.62
C VAL C 228 20.43 -9.74 14.01
N ASP C 229 21.28 -10.63 13.53
CA ASP C 229 20.90 -11.94 13.04
C ASP C 229 21.96 -12.91 13.56
N GLU C 230 21.55 -13.80 14.49
CA GLU C 230 22.44 -14.78 15.11
C GLU C 230 23.13 -15.74 14.13
N HIS C 231 22.45 -16.08 13.01
CA HIS C 231 22.95 -17.00 11.97
C HIS C 231 23.58 -16.28 10.77
N ARG C 232 23.96 -15.00 10.95
CA ARG C 232 24.57 -14.20 9.89
C ARG C 232 26.02 -13.81 10.22
N GLU C 233 26.82 -13.56 9.18
CA GLU C 233 28.19 -13.12 9.27
C GLU C 233 28.27 -11.84 8.45
N PRO C 234 28.42 -10.66 9.14
CA PRO C 234 28.51 -10.46 10.59
C PRO C 234 27.13 -10.49 11.23
N GLN C 235 27.05 -10.86 12.51
CA GLN C 235 25.79 -10.92 13.27
C GLN C 235 25.13 -9.54 13.40
N LEU C 236 25.95 -8.49 13.60
CA LEU C 236 25.50 -7.11 13.78
C LEU C 236 25.64 -6.33 12.52
N LEU C 237 24.53 -5.66 12.08
CA LEU C 237 24.48 -4.86 10.86
C LEU C 237 25.50 -3.72 10.86
N LEU C 238 25.80 -3.17 12.07
CA LEU C 238 26.78 -2.10 12.33
C LEU C 238 28.13 -2.42 11.68
N ASP C 239 28.54 -3.70 11.75
CA ASP C 239 29.82 -4.19 11.22
C ASP C 239 29.99 -4.01 9.71
N ILE C 240 28.88 -4.02 8.96
CA ILE C 240 28.82 -3.85 7.51
C ILE C 240 29.44 -2.49 7.10
N LYS C 241 29.31 -1.45 7.94
CA LYS C 241 29.88 -0.10 7.73
C LYS C 241 31.40 -0.20 7.67
N GLU C 242 31.97 -1.10 8.49
CA GLU C 242 33.42 -1.29 8.54
C GLU C 242 33.93 -2.08 7.35
N GLU C 243 33.17 -3.12 6.91
CA GLU C 243 33.47 -3.93 5.72
C GLU C 243 33.50 -3.03 4.48
N ILE C 244 32.58 -2.04 4.40
CA ILE C 244 32.48 -1.09 3.30
C ILE C 244 33.61 -0.04 3.35
N GLU C 245 33.84 0.59 4.53
CA GLU C 245 34.89 1.58 4.78
C GLU C 245 36.28 1.01 4.47
N ASP C 246 36.52 -0.28 4.83
CA ASP C 246 37.78 -0.98 4.56
C ASP C 246 37.69 -1.71 3.21
N GLU C 247 37.08 -1.03 2.21
CA GLU C 247 36.84 -1.34 0.80
C GLU C 247 36.79 -2.81 0.32
N GLU C 248 36.39 -3.72 1.21
CA GLU C 248 36.20 -5.15 0.92
C GLU C 248 34.94 -5.29 0.03
N LYS C 249 33.90 -4.47 0.34
CA LYS C 249 32.60 -4.41 -0.32
C LYS C 249 32.14 -2.94 -0.41
N THR C 250 31.04 -2.69 -1.14
CA THR C 250 30.42 -1.36 -1.27
C THR C 250 28.96 -1.45 -0.81
N ILE C 251 28.27 -0.28 -0.69
CA ILE C 251 26.87 -0.27 -0.27
C ILE C 251 25.98 -0.98 -1.29
N GLU C 252 26.34 -0.87 -2.59
CA GLU C 252 25.67 -1.51 -3.73
C GLU C 252 25.58 -3.03 -3.55
N ASP C 253 26.61 -3.64 -2.94
CA ASP C 253 26.68 -5.07 -2.64
C ASP C 253 25.65 -5.46 -1.56
N TYR C 254 25.21 -4.48 -0.73
CA TYR C 254 24.30 -4.70 0.39
C TYR C 254 22.84 -4.29 0.16
N ILE C 255 22.57 -3.45 -0.87
CA ILE C 255 21.23 -2.97 -1.25
C ILE C 255 20.23 -4.13 -1.26
N ASP C 256 19.06 -3.91 -0.66
CA ASP C 256 17.98 -4.89 -0.64
C ASP C 256 17.58 -5.21 -2.08
N LYS C 257 17.65 -6.50 -2.42
CA LYS C 257 17.33 -7.06 -3.74
C LYS C 257 15.82 -7.13 -4.00
N LYS C 258 15.01 -7.02 -2.91
CA LYS C 258 13.54 -7.00 -2.99
C LYS C 258 12.99 -5.62 -3.40
N MET C 259 13.74 -4.87 -4.24
CA MET C 259 13.36 -3.54 -4.74
C MET C 259 13.69 -3.45 -6.24
N ASN C 260 12.83 -2.78 -7.02
CA ASN C 260 13.08 -2.53 -8.45
C ASN C 260 13.34 -1.05 -8.77
N ASP C 261 12.89 -0.12 -7.87
CA ASP C 261 12.94 1.34 -8.04
C ASP C 261 14.09 2.08 -7.34
N ALA C 262 15.12 1.38 -6.88
CA ALA C 262 16.23 2.03 -6.18
C ALA C 262 17.32 2.45 -7.14
N ASP C 263 17.80 3.69 -7.03
CA ASP C 263 18.90 4.17 -7.84
C ASP C 263 20.12 4.42 -6.95
N SER C 264 21.32 4.22 -7.50
CA SER C 264 22.62 4.37 -6.83
C SER C 264 22.80 5.71 -6.12
N THR C 265 22.35 6.81 -6.75
CA THR C 265 22.50 8.16 -6.23
C THR C 265 21.78 8.35 -4.90
N SER C 266 20.47 8.06 -4.85
CA SER C 266 19.69 8.20 -3.61
C SER C 266 20.09 7.17 -2.55
N VAL C 267 20.46 5.93 -2.96
CA VAL C 267 20.90 4.89 -2.03
C VAL C 267 22.19 5.33 -1.33
N GLU C 268 23.18 5.80 -2.13
CA GLU C 268 24.47 6.29 -1.65
C GLU C 268 24.28 7.53 -0.77
N ALA C 269 23.31 8.38 -1.11
CA ALA C 269 22.98 9.55 -0.33
C ALA C 269 22.41 9.13 1.01
N MET C 270 21.52 8.09 1.06
CA MET C 270 20.98 7.61 2.35
C MET C 270 22.09 6.95 3.17
N TYR C 271 23.00 6.20 2.50
CA TYR C 271 24.11 5.54 3.17
C TYR C 271 25.06 6.55 3.83
N SER C 272 25.35 7.67 3.15
CA SER C 272 26.22 8.73 3.67
C SER C 272 25.63 9.28 4.98
N VAL C 273 24.33 9.56 5.01
CA VAL C 273 23.58 10.01 6.20
C VAL C 273 23.76 8.97 7.32
N ALA C 274 23.55 7.68 7.00
CA ALA C 274 23.70 6.58 7.96
C ALA C 274 25.12 6.48 8.49
N SER C 275 26.13 6.69 7.64
CA SER C 275 27.56 6.65 8.00
C SER C 275 27.90 7.74 8.99
N GLN C 276 27.40 8.97 8.74
CA GLN C 276 27.55 10.13 9.59
C GLN C 276 26.85 9.89 10.94
N CYS C 277 25.68 9.25 10.92
CA CYS C 277 24.92 8.91 12.12
C CYS C 277 25.69 7.91 12.94
N LEU C 278 26.41 7.01 12.26
CA LEU C 278 27.14 5.92 12.89
C LEU C 278 28.57 6.20 13.41
N HIS C 279 29.00 7.49 13.43
CA HIS C 279 30.31 7.86 14.00
C HIS C 279 30.32 7.35 15.43
N GLU C 280 31.38 6.61 15.80
CA GLU C 280 31.49 6.08 17.17
C GLU C 280 31.70 7.21 18.20
N LYS C 281 32.22 8.36 17.73
CA LYS C 281 32.45 9.57 18.53
C LYS C 281 31.21 10.44 18.48
N LYS C 282 30.39 10.38 19.56
CA LYS C 282 29.12 11.12 19.72
C LYS C 282 29.07 12.57 19.23
N ASN C 283 30.18 13.29 19.35
CA ASN C 283 30.29 14.69 18.96
C ASN C 283 30.53 14.91 17.47
N LYS C 284 30.94 13.86 16.76
CA LYS C 284 31.19 13.90 15.31
C LYS C 284 29.86 13.74 14.52
N ARG C 285 28.87 13.04 15.14
CA ARG C 285 27.54 12.77 14.56
C ARG C 285 26.77 14.06 14.31
N PRO C 286 25.92 14.11 13.25
CA PRO C 286 25.09 15.29 13.02
C PRO C 286 23.91 15.30 14.01
N ASP C 287 23.27 16.45 14.18
CA ASP C 287 22.09 16.55 15.02
C ASP C 287 20.90 16.19 14.13
N ILE C 288 19.74 15.90 14.72
CA ILE C 288 18.53 15.52 13.98
C ILE C 288 18.12 16.48 12.86
N LYS C 289 18.25 17.81 13.07
CA LYS C 289 17.91 18.82 12.05
C LYS C 289 18.78 18.70 10.81
N LYS C 290 20.06 18.31 10.96
CA LYS C 290 20.99 18.10 9.85
C LYS C 290 20.61 16.79 9.12
N VAL C 291 20.16 15.78 9.89
CA VAL C 291 19.73 14.48 9.36
C VAL C 291 18.51 14.67 8.43
N GLN C 292 17.52 15.48 8.87
CA GLN C 292 16.31 15.82 8.11
C GLN C 292 16.69 16.51 6.81
N GLN C 293 17.55 17.56 6.90
CA GLN C 293 18.04 18.34 5.75
C GLN C 293 18.63 17.41 4.70
N LEU C 294 19.56 16.54 5.13
CA LEU C 294 20.24 15.57 4.28
C LEU C 294 19.26 14.59 3.60
N LEU C 295 18.27 14.08 4.36
CA LEU C 295 17.27 13.16 3.87
C LEU C 295 16.33 13.86 2.86
N GLN C 296 16.05 15.16 3.08
CA GLN C 296 15.20 15.97 2.20
C GLN C 296 15.91 16.26 0.86
N GLU C 297 17.24 16.53 0.90
CA GLU C 297 18.09 16.79 -0.28
C GLU C 297 18.16 15.56 -1.17
N MET C 298 18.13 14.37 -0.54
CA MET C 298 18.19 13.04 -1.17
C MET C 298 17.02 12.83 -2.18
N THR C 299 15.80 13.32 -1.84
CA THR C 299 14.60 13.21 -2.67
C THR C 299 14.42 14.36 -3.67
N ALA C 300 15.04 15.52 -3.40
CA ALA C 300 14.98 16.69 -4.28
C ALA C 300 15.78 16.41 -5.56
N SER C 301 17.09 16.04 -5.41
CA SER C 301 17.99 15.72 -6.51
N ARG D 5 -9.32 -30.91 -8.86
CA ARG D 5 -8.29 -30.04 -8.29
C ARG D 5 -8.86 -29.17 -7.17
N PHE D 6 -10.21 -29.08 -7.08
CA PHE D 6 -10.87 -28.28 -6.05
C PHE D 6 -11.33 -29.10 -4.86
N HIS D 7 -11.21 -28.51 -3.66
CA HIS D 7 -11.63 -29.14 -2.44
C HIS D 7 -13.14 -28.98 -2.23
N SER D 8 -13.85 -30.12 -2.18
CA SER D 8 -15.28 -30.12 -1.92
C SER D 8 -15.44 -29.90 -0.42
N PHE D 9 -16.04 -28.78 -0.06
CA PHE D 9 -16.29 -28.43 1.34
C PHE D 9 -17.68 -28.89 1.75
N SER D 10 -17.85 -29.23 3.03
CA SER D 10 -19.17 -29.54 3.56
C SER D 10 -19.74 -28.22 4.07
N PHE D 11 -21.06 -27.99 3.89
CA PHE D 11 -21.71 -26.75 4.29
C PHE D 11 -21.44 -26.36 5.76
N TYR D 12 -21.36 -27.34 6.69
CA TYR D 12 -21.08 -27.13 8.10
C TYR D 12 -19.66 -26.53 8.31
N GLU D 13 -18.66 -26.97 7.50
CA GLU D 13 -17.27 -26.51 7.55
C GLU D 13 -17.25 -25.00 7.31
N LEU D 14 -18.01 -24.57 6.31
CA LEU D 14 -18.12 -23.20 5.84
C LEU D 14 -18.94 -22.29 6.76
N LYS D 15 -19.96 -22.84 7.44
CA LYS D 15 -20.84 -22.12 8.38
C LYS D 15 -20.03 -21.71 9.58
N ASN D 16 -19.17 -22.63 10.10
CA ASN D 16 -18.27 -22.46 11.25
C ASN D 16 -17.13 -21.46 11.03
N VAL D 17 -16.58 -21.40 9.80
CA VAL D 17 -15.47 -20.51 9.43
C VAL D 17 -15.90 -19.04 9.11
N THR D 18 -17.20 -18.79 8.86
CA THR D 18 -17.78 -17.49 8.48
C THR D 18 -18.79 -16.93 9.51
N ASN D 19 -18.77 -17.45 10.78
CA ASN D 19 -19.69 -17.08 11.88
C ASN D 19 -21.17 -17.19 11.43
N ASN D 20 -21.56 -18.41 11.00
CA ASN D 20 -22.90 -18.79 10.55
C ASN D 20 -23.52 -17.86 9.47
N PHE D 21 -22.68 -17.49 8.46
CA PHE D 21 -23.03 -16.63 7.33
C PHE D 21 -23.58 -15.25 7.74
N ASP D 22 -22.80 -14.53 8.57
CA ASP D 22 -23.08 -13.20 9.11
C ASP D 22 -23.35 -12.17 8.00
N GLU D 23 -24.63 -12.07 7.59
CA GLU D 23 -25.12 -11.23 6.49
C GLU D 23 -24.93 -9.70 6.62
N ARG D 24 -24.39 -9.21 7.76
CA ARG D 24 -24.15 -7.78 7.99
C ARG D 24 -22.78 -7.38 7.41
N PRO D 25 -22.54 -6.05 7.14
CA PRO D 25 -21.21 -5.61 6.69
C PRO D 25 -20.17 -5.78 7.82
N ILE D 26 -18.90 -6.06 7.45
CA ILE D 26 -17.78 -6.28 8.39
C ILE D 26 -17.52 -5.07 9.29
N SER D 27 -17.81 -3.84 8.80
CA SER D 27 -17.66 -2.58 9.54
C SER D 27 -18.63 -2.48 10.74
N VAL D 28 -19.90 -2.92 10.53
CA VAL D 28 -20.97 -2.93 11.54
C VAL D 28 -21.16 -4.26 12.30
N GLY D 29 -20.10 -5.11 12.31
CA GLY D 29 -20.09 -6.38 13.04
C GLY D 29 -20.38 -7.66 12.27
N GLY D 30 -20.56 -7.57 10.94
CA GLY D 30 -20.85 -8.75 10.13
C GLY D 30 -19.60 -9.34 9.48
N ASN D 31 -19.82 -10.31 8.56
CA ASN D 31 -18.76 -11.02 7.82
C ASN D 31 -18.85 -10.77 6.31
N LYS D 32 -20.00 -10.24 5.83
CA LYS D 32 -20.30 -9.95 4.42
C LYS D 32 -19.35 -8.91 3.81
N MET D 33 -18.63 -9.31 2.75
CA MET D 33 -17.67 -8.49 2.00
C MET D 33 -18.37 -7.65 0.93
N GLY D 34 -19.44 -8.21 0.30
CA GLY D 34 -20.23 -7.55 -0.74
C GLY D 34 -21.25 -8.53 -1.34
N GLU D 35 -21.78 -8.21 -2.55
CA GLU D 35 -22.75 -9.08 -3.21
C GLU D 35 -22.64 -9.05 -4.75
N GLY D 36 -22.57 -10.24 -5.36
CA GLY D 36 -22.46 -10.44 -6.81
N PHE D 38 -24.75 -14.79 -9.56
CA PHE D 38 -25.05 -13.88 -8.45
C PHE D 38 -25.18 -14.59 -7.09
N GLY D 39 -24.85 -13.86 -5.99
CA GLY D 39 -24.90 -14.32 -4.60
C GLY D 39 -24.08 -13.40 -3.70
N VAL D 40 -24.13 -13.64 -2.37
CA VAL D 40 -23.42 -12.88 -1.32
C VAL D 40 -21.99 -13.46 -1.07
N VAL D 41 -21.04 -12.62 -0.63
CA VAL D 41 -19.64 -12.98 -0.36
C VAL D 41 -19.30 -12.67 1.12
N TYR D 42 -18.66 -13.63 1.84
CA TYR D 42 -18.24 -13.50 3.25
C TYR D 42 -16.79 -13.92 3.43
N LYS D 43 -16.12 -13.37 4.47
CA LYS D 43 -14.74 -13.70 4.84
C LYS D 43 -14.77 -14.92 5.80
N GLY D 44 -13.80 -15.83 5.63
CA GLY D 44 -13.67 -17.05 6.43
C GLY D 44 -12.22 -17.46 6.56
N TYR D 45 -11.94 -18.41 7.49
CA TYR D 45 -10.59 -18.92 7.76
C TYR D 45 -10.54 -20.45 7.76
N VAL D 46 -9.94 -21.03 6.71
CA VAL D 46 -9.75 -22.49 6.58
C VAL D 46 -8.26 -22.79 6.77
N ASN D 47 -7.90 -23.53 7.87
CA ASN D 47 -6.53 -23.81 8.32
C ASN D 47 -5.92 -22.46 8.69
N ASN D 48 -5.02 -21.97 7.84
CA ASN D 48 -4.35 -20.68 7.96
C ASN D 48 -4.59 -19.83 6.69
N THR D 49 -5.46 -20.34 5.79
CA THR D 49 -5.83 -19.70 4.53
C THR D 49 -7.09 -18.87 4.75
N THR D 50 -7.03 -17.56 4.44
CA THR D 50 -8.19 -16.65 4.49
C THR D 50 -8.87 -16.83 3.13
N VAL D 51 -10.18 -17.08 3.15
CA VAL D 51 -10.91 -17.40 1.94
C VAL D 51 -12.08 -16.47 1.67
N ALA D 52 -12.58 -16.48 0.41
CA ALA D 52 -13.75 -15.70 -0.01
C ALA D 52 -14.88 -16.70 -0.27
N VAL D 53 -15.95 -16.66 0.58
CA VAL D 53 -17.07 -17.60 0.46
C VAL D 53 -18.25 -16.98 -0.27
N LYS D 54 -18.51 -17.47 -1.48
CA LYS D 54 -19.60 -16.97 -2.30
C LYS D 54 -20.83 -17.84 -2.12
N LYS D 55 -21.67 -17.44 -1.14
CA LYS D 55 -22.95 -18.07 -0.83
C LYS D 55 -24.01 -17.61 -1.88
N LEU D 56 -24.39 -18.54 -2.79
CA LEU D 56 -25.37 -18.30 -3.85
C LEU D 56 -26.78 -18.18 -3.26
N ALA D 57 -27.44 -17.01 -3.47
CA ALA D 57 -28.79 -16.71 -2.96
C ALA D 57 -29.94 -17.26 -3.81
N ALA D 58 -29.89 -17.05 -5.15
CA ALA D 58 -30.94 -17.50 -6.07
N THR D 63 -33.99 -19.23 -9.09
CA THR D 63 -34.58 -20.45 -9.64
C THR D 63 -33.92 -21.70 -9.05
N THR D 64 -34.74 -22.75 -8.78
CA THR D 64 -34.32 -24.03 -8.20
C THR D 64 -33.37 -24.83 -9.11
N GLU D 65 -33.64 -24.85 -10.43
CA GLU D 65 -32.85 -25.61 -11.41
C GLU D 65 -31.81 -24.81 -12.19
N GLU D 66 -32.02 -23.49 -12.39
CA GLU D 66 -31.11 -22.63 -13.15
C GLU D 66 -29.78 -22.37 -12.41
N LEU D 67 -29.85 -22.20 -11.08
CA LEU D 67 -28.71 -21.91 -10.19
C LEU D 67 -27.64 -23.00 -10.21
N LYS D 68 -28.04 -24.28 -10.00
CA LYS D 68 -27.14 -25.45 -9.97
C LYS D 68 -26.33 -25.64 -11.28
N GLN D 69 -26.95 -25.40 -12.46
CA GLN D 69 -26.25 -25.51 -13.74
C GLN D 69 -25.35 -24.30 -14.04
N GLN D 70 -25.58 -23.17 -13.32
CA GLN D 70 -24.77 -21.95 -13.39
C GLN D 70 -23.59 -22.06 -12.41
N PHE D 71 -23.78 -22.85 -11.33
CA PHE D 71 -22.82 -23.18 -10.27
C PHE D 71 -21.73 -24.13 -10.83
N ASP D 72 -22.16 -25.22 -11.53
CA ASP D 72 -21.27 -26.20 -12.18
C ASP D 72 -20.55 -25.56 -13.38
N GLN D 73 -21.10 -24.44 -13.92
CA GLN D 73 -20.56 -23.67 -15.04
C GLN D 73 -19.28 -22.93 -14.63
N GLU D 74 -19.32 -22.15 -13.51
CA GLU D 74 -18.18 -21.40 -12.96
C GLU D 74 -17.02 -22.33 -12.60
N ILE D 75 -17.34 -23.53 -12.04
CA ILE D 75 -16.38 -24.58 -11.66
C ILE D 75 -15.64 -25.12 -12.91
N LYS D 76 -16.38 -25.30 -14.03
CA LYS D 76 -15.91 -25.76 -15.32
C LYS D 76 -15.09 -24.63 -15.99
N VAL D 77 -15.49 -23.36 -15.76
CA VAL D 77 -14.80 -22.16 -16.25
C VAL D 77 -13.44 -22.06 -15.54
N MET D 78 -13.43 -22.19 -14.21
CA MET D 78 -12.25 -22.11 -13.35
C MET D 78 -11.26 -23.23 -13.53
N ALA D 79 -11.72 -24.42 -13.93
CA ALA D 79 -10.89 -25.59 -14.18
C ALA D 79 -9.99 -25.31 -15.38
N LYS D 80 -10.54 -24.63 -16.41
CA LYS D 80 -9.85 -24.25 -17.63
C LYS D 80 -8.99 -22.99 -17.46
N CYS D 81 -9.58 -21.96 -16.84
CA CYS D 81 -8.99 -20.64 -16.69
C CYS D 81 -8.15 -20.39 -15.43
N GLN D 82 -6.82 -20.54 -15.56
CA GLN D 82 -5.86 -20.31 -14.49
C GLN D 82 -4.85 -19.31 -15.01
N HIS D 83 -4.86 -18.11 -14.43
CA HIS D 83 -4.01 -17.00 -14.78
C HIS D 83 -3.79 -16.14 -13.57
N GLU D 84 -2.63 -15.43 -13.52
CA GLU D 84 -2.24 -14.51 -12.43
C GLU D 84 -3.15 -13.28 -12.31
N ASN D 85 -3.95 -12.95 -13.35
CA ASN D 85 -4.86 -11.82 -13.36
C ASN D 85 -6.32 -12.24 -13.28
N LEU D 86 -6.60 -13.43 -12.74
CA LEU D 86 -7.95 -13.94 -12.50
C LEU D 86 -7.97 -14.48 -11.08
N VAL D 87 -9.09 -14.33 -10.39
CA VAL D 87 -9.23 -14.86 -9.03
C VAL D 87 -9.17 -16.38 -9.09
N GLU D 88 -8.54 -17.01 -8.11
CA GLU D 88 -8.44 -18.45 -8.08
C GLU D 88 -9.54 -19.07 -7.24
N LEU D 89 -10.24 -20.07 -7.81
CA LEU D 89 -11.27 -20.87 -7.12
C LEU D 89 -10.57 -22.02 -6.41
N LEU D 90 -10.78 -22.14 -5.11
CA LEU D 90 -10.16 -23.18 -4.29
C LEU D 90 -11.10 -24.36 -4.09
N GLY D 91 -12.37 -24.09 -3.76
CA GLY D 91 -13.38 -25.10 -3.51
C GLY D 91 -14.80 -24.58 -3.61
N PHE D 92 -15.73 -25.42 -3.16
CA PHE D 92 -17.17 -25.20 -3.24
C PHE D 92 -17.91 -26.11 -2.26
N SER D 93 -19.22 -25.89 -2.11
CA SER D 93 -20.08 -26.72 -1.29
C SER D 93 -21.44 -26.86 -1.98
N SER D 94 -22.00 -28.08 -1.99
CA SER D 94 -23.28 -28.43 -2.62
C SER D 94 -24.22 -29.16 -1.64
N ASP D 95 -23.66 -29.83 -0.61
CA ASP D 95 -24.34 -30.63 0.41
C ASP D 95 -25.42 -29.90 1.22
N GLY D 96 -25.27 -28.59 1.46
CA GLY D 96 -26.26 -27.79 2.20
C GLY D 96 -27.37 -27.28 1.28
N ASP D 97 -28.32 -26.48 1.83
CA ASP D 97 -29.43 -25.92 1.04
C ASP D 97 -28.90 -24.89 0.03
N ASP D 98 -28.06 -23.95 0.51
CA ASP D 98 -27.43 -22.91 -0.31
C ASP D 98 -26.08 -23.40 -0.86
N LEU D 99 -25.76 -23.01 -2.10
CA LEU D 99 -24.51 -23.38 -2.76
C LEU D 99 -23.42 -22.37 -2.43
N CYS D 100 -22.19 -22.87 -2.11
CA CYS D 100 -21.07 -21.99 -1.77
C CYS D 100 -19.91 -22.16 -2.77
N LEU D 101 -19.16 -21.08 -3.00
CA LEU D 101 -17.97 -21.09 -3.84
C LEU D 101 -16.86 -20.47 -3.05
N VAL D 102 -15.72 -21.18 -2.98
CA VAL D 102 -14.58 -20.74 -2.19
C VAL D 102 -13.42 -20.31 -3.09
N TYR D 103 -12.95 -19.09 -2.86
CA TYR D 103 -11.87 -18.43 -3.61
C TYR D 103 -10.80 -17.97 -2.67
N VAL D 104 -9.64 -17.57 -3.23
CA VAL D 104 -8.53 -17.01 -2.47
C VAL D 104 -9.02 -15.60 -2.09
N TYR D 105 -8.85 -15.23 -0.80
CA TYR D 105 -9.20 -13.90 -0.29
C TYR D 105 -8.23 -12.84 -0.88
N MET D 106 -8.80 -11.74 -1.36
CA MET D 106 -8.09 -10.62 -1.95
C MET D 106 -8.08 -9.51 -0.88
N PRO D 107 -6.94 -9.38 -0.12
CA PRO D 107 -6.87 -8.40 0.96
C PRO D 107 -7.18 -6.95 0.58
N ASN D 108 -6.87 -6.56 -0.66
CA ASN D 108 -7.12 -5.19 -1.06
C ASN D 108 -8.50 -4.89 -1.64
N GLY D 109 -9.43 -5.87 -1.58
CA GLY D 109 -10.80 -5.72 -2.08
C GLY D 109 -10.88 -5.38 -3.59
N SER D 110 -11.90 -4.58 -3.96
CA SER D 110 -12.15 -4.20 -5.34
C SER D 110 -11.49 -2.91 -5.77
N LEU D 111 -11.33 -2.74 -7.10
CA LEU D 111 -10.79 -1.52 -7.69
C LEU D 111 -11.77 -0.37 -7.41
N LEU D 112 -13.09 -0.70 -7.37
CA LEU D 112 -14.14 0.29 -7.10
C LEU D 112 -13.92 0.94 -5.74
N ASP D 113 -13.78 0.11 -4.71
CA ASP D 113 -13.58 0.48 -3.31
C ASP D 113 -12.26 1.21 -3.08
N ARG D 114 -11.25 0.88 -3.87
CA ARG D 114 -9.96 1.55 -3.78
C ARG D 114 -9.97 2.86 -4.47
N LEU D 115 -10.74 2.97 -5.57
CA LEU D 115 -10.87 4.24 -6.29
C LEU D 115 -11.67 5.24 -5.46
N SER D 116 -12.62 4.73 -4.65
CA SER D 116 -13.43 5.59 -3.80
C SER D 116 -12.81 5.84 -2.40
N CYS D 117 -11.69 5.16 -2.07
CA CYS D 117 -10.97 5.20 -0.78
C CYS D 117 -11.89 4.74 0.34
N LEU D 118 -12.71 3.73 0.05
CA LEU D 118 -13.65 3.16 1.00
C LEU D 118 -12.92 2.72 2.28
N ASP D 119 -13.47 3.13 3.44
CA ASP D 119 -12.95 2.78 4.77
C ASP D 119 -11.61 3.43 5.13
N GLY D 120 -11.26 4.52 4.43
CA GLY D 120 -10.09 5.32 4.75
C GLY D 120 -8.80 4.89 4.15
N THR D 121 -8.84 4.03 3.14
CA THR D 121 -7.63 3.55 2.47
C THR D 121 -6.98 4.71 1.66
N PRO D 122 -5.63 4.73 1.48
CA PRO D 122 -5.02 5.85 0.72
C PRO D 122 -5.34 5.80 -0.79
N PRO D 123 -5.50 6.98 -1.43
CA PRO D 123 -5.75 7.02 -2.90
C PRO D 123 -4.67 6.25 -3.64
N LEU D 124 -5.02 5.55 -4.75
CA LEU D 124 -4.04 4.81 -5.52
C LEU D 124 -3.23 5.82 -6.35
N SER D 125 -1.90 5.65 -6.43
CA SER D 125 -1.07 6.52 -7.29
C SER D 125 -1.32 6.15 -8.73
N TRP D 126 -0.90 7.01 -9.66
CA TRP D 126 -0.97 6.81 -11.10
C TRP D 126 -0.16 5.59 -11.50
N HIS D 127 1.03 5.41 -10.90
CA HIS D 127 1.90 4.27 -11.15
C HIS D 127 1.16 2.96 -10.83
N MET D 128 0.46 2.88 -9.67
CA MET D 128 -0.31 1.68 -9.35
C MET D 128 -1.51 1.49 -10.28
N ARG D 129 -2.21 2.58 -10.60
CA ARG D 129 -3.35 2.54 -11.52
C ARG D 129 -2.96 1.96 -12.91
N CYS D 130 -1.78 2.40 -13.45
CA CYS D 130 -1.24 1.89 -14.72
C CYS D 130 -0.99 0.39 -14.64
N LYS D 131 -0.39 -0.07 -13.55
CA LYS D 131 -0.11 -1.48 -13.32
C LYS D 131 -1.41 -2.31 -13.24
N ILE D 132 -2.47 -1.72 -12.63
CA ILE D 132 -3.79 -2.35 -12.47
C ILE D 132 -4.52 -2.47 -13.83
N ALA D 133 -4.42 -1.43 -14.66
CA ALA D 133 -5.02 -1.38 -16.00
C ALA D 133 -4.38 -2.49 -16.85
N GLN D 134 -3.03 -2.53 -16.88
CA GLN D 134 -2.23 -3.53 -17.61
C GLN D 134 -2.57 -4.94 -17.12
N GLY D 135 -2.65 -5.17 -15.80
CA GLY D 135 -3.01 -6.45 -15.20
C GLY D 135 -4.40 -6.85 -15.60
N ALA D 136 -5.39 -5.96 -15.47
CA ALA D 136 -6.77 -6.28 -15.83
C ALA D 136 -6.93 -6.68 -17.32
N ALA D 137 -6.22 -5.96 -18.25
CA ALA D 137 -6.19 -6.20 -19.70
C ALA D 137 -5.55 -7.56 -20.00
N ASN D 138 -4.55 -7.99 -19.19
CA ASN D 138 -3.91 -9.31 -19.34
C ASN D 138 -4.88 -10.42 -18.92
N GLY D 139 -5.74 -10.16 -17.92
CA GLY D 139 -6.77 -11.12 -17.46
C GLY D 139 -7.81 -11.30 -18.57
N ILE D 140 -8.36 -10.18 -19.13
CA ILE D 140 -9.35 -10.18 -20.22
C ILE D 140 -8.79 -10.90 -21.47
N ASN D 141 -7.52 -10.60 -21.83
CA ASN D 141 -6.83 -11.25 -22.94
C ASN D 141 -6.81 -12.77 -22.76
N PHE D 142 -6.44 -13.26 -21.56
CA PHE D 142 -6.44 -14.69 -21.26
C PHE D 142 -7.82 -15.30 -21.49
N LEU D 143 -8.90 -14.59 -21.08
CA LEU D 143 -10.28 -15.06 -21.24
C LEU D 143 -10.66 -15.11 -22.72
N HIS D 144 -10.28 -14.08 -23.49
CA HIS D 144 -10.61 -13.95 -24.92
C HIS D 144 -9.83 -14.96 -25.77
N GLU D 145 -8.54 -15.19 -25.42
CA GLU D 145 -7.66 -16.17 -26.06
C GLU D 145 -8.27 -17.57 -25.94
N ASN D 146 -8.88 -17.87 -24.77
CA ASN D 146 -9.52 -19.14 -24.46
C ASN D 146 -11.00 -19.14 -24.84
N HIS D 147 -11.40 -18.21 -25.72
CA HIS D 147 -12.74 -18.05 -26.28
C HIS D 147 -13.84 -17.91 -25.23
N HIS D 148 -13.64 -16.99 -24.27
CA HIS D 148 -14.64 -16.72 -23.23
C HIS D 148 -14.97 -15.23 -23.20
N ILE D 149 -16.23 -14.93 -22.91
CA ILE D 149 -16.76 -13.58 -22.81
C ILE D 149 -17.20 -13.42 -21.37
N HIS D 150 -16.65 -12.38 -20.69
CA HIS D 150 -16.94 -12.12 -19.28
C HIS D 150 -18.39 -11.74 -19.06
N ARG D 151 -18.87 -10.72 -19.80
CA ARG D 151 -20.24 -10.15 -19.76
C ARG D 151 -20.50 -9.20 -18.60
N ASP D 152 -19.53 -9.02 -17.66
CA ASP D 152 -19.70 -8.11 -16.50
C ASP D 152 -18.37 -7.47 -16.04
N ILE D 153 -17.58 -6.97 -17.01
CA ILE D 153 -16.33 -6.27 -16.74
C ILE D 153 -16.72 -4.93 -16.12
N LYS D 154 -16.29 -4.71 -14.88
CA LYS D 154 -16.54 -3.50 -14.10
C LYS D 154 -15.53 -3.45 -12.97
N SER D 155 -15.27 -2.28 -12.41
CA SER D 155 -14.32 -2.11 -11.31
C SER D 155 -14.68 -2.91 -10.01
N ALA D 156 -15.97 -3.12 -9.72
CA ALA D 156 -16.32 -3.99 -8.58
C ALA D 156 -15.90 -5.47 -8.83
N ASN D 157 -15.67 -5.87 -10.11
CA ASN D 157 -15.24 -7.21 -10.51
C ASN D 157 -13.74 -7.31 -10.81
N ILE D 158 -12.99 -6.28 -10.44
CA ILE D 158 -11.54 -6.28 -10.54
C ILE D 158 -11.03 -6.23 -9.11
N LEU D 159 -10.46 -7.33 -8.67
CA LEU D 159 -9.98 -7.45 -7.32
C LEU D 159 -8.48 -7.29 -7.20
N LEU D 160 -8.05 -6.88 -6.02
CA LEU D 160 -6.64 -6.58 -5.74
C LEU D 160 -6.10 -7.43 -4.58
N ASP D 161 -4.95 -8.13 -4.82
CA ASP D 161 -4.25 -8.94 -3.83
C ASP D 161 -3.33 -8.02 -3.01
N GLU D 162 -2.55 -8.61 -2.08
CA GLU D 162 -1.57 -7.95 -1.19
C GLU D 162 -0.61 -6.96 -1.89
N ALA D 163 -0.18 -7.25 -3.15
CA ALA D 163 0.71 -6.39 -3.95
C ALA D 163 -0.05 -5.49 -4.95
N PHE D 164 -1.39 -5.47 -4.85
CA PHE D 164 -2.29 -4.70 -5.74
C PHE D 164 -2.29 -5.23 -7.21
N THR D 165 -2.19 -6.56 -7.37
CA THR D 165 -2.22 -7.21 -8.68
C THR D 165 -3.71 -7.33 -9.00
N ALA D 166 -4.10 -6.87 -10.21
CA ALA D 166 -5.49 -6.92 -10.65
C ALA D 166 -5.89 -8.37 -10.93
N LYS D 167 -7.01 -8.80 -10.34
CA LYS D 167 -7.57 -10.15 -10.52
C LYS D 167 -9.04 -10.02 -10.94
N ILE D 168 -9.36 -10.43 -12.20
CA ILE D 168 -10.73 -10.43 -12.70
C ILE D 168 -11.55 -11.52 -11.96
N SER D 169 -12.70 -11.15 -11.39
CA SER D 169 -13.60 -12.07 -10.68
C SER D 169 -14.95 -12.18 -11.39
N ASP D 170 -15.86 -13.02 -10.82
CA ASP D 170 -17.24 -13.28 -11.23
C ASP D 170 -17.40 -13.78 -12.68
N PHE D 171 -17.53 -15.10 -12.83
CA PHE D 171 -17.70 -15.75 -14.13
C PHE D 171 -19.04 -16.51 -14.19
N GLY D 172 -20.04 -16.06 -13.39
CA GLY D 172 -21.37 -16.66 -13.33
C GLY D 172 -22.13 -16.41 -14.64
N LEU D 173 -21.88 -15.24 -15.26
CA LEU D 173 -22.52 -14.81 -16.52
C LEU D 173 -21.68 -15.16 -17.76
N ALA D 174 -20.44 -15.69 -17.56
CA ALA D 174 -19.50 -16.05 -18.63
C ALA D 174 -20.08 -16.96 -19.72
N ARG D 175 -19.71 -16.70 -20.99
CA ARG D 175 -20.15 -17.43 -22.17
C ARG D 175 -18.99 -17.75 -23.11
N ALA D 176 -19.00 -18.96 -23.69
CA ALA D 176 -17.98 -19.40 -24.64
C ALA D 176 -18.25 -18.83 -26.05
N SER D 177 -17.18 -18.67 -26.86
CA SER D 177 -17.22 -18.13 -28.24
C SER D 177 -16.45 -19.03 -29.22
N GLU D 178 -16.39 -18.62 -30.52
CA GLU D 178 -15.70 -19.35 -31.58
N TPO D 183 -21.35 -13.88 -33.47
CA TPO D 183 -22.17 -13.09 -32.56
CB TPO D 183 -22.23 -11.57 -32.85
CG2 TPO D 183 -23.28 -10.86 -31.98
OG1 TPO D 183 -20.95 -10.98 -32.55
P TPO D 183 -20.16 -10.56 -33.81
O1P TPO D 183 -18.89 -9.81 -33.37
O2P TPO D 183 -20.99 -9.65 -34.73
O3P TPO D 183 -19.74 -11.83 -34.58
C TPO D 183 -23.53 -13.75 -32.33
O TPO D 183 -24.26 -14.00 -33.29
N VAL D 184 -23.85 -14.02 -31.06
CA VAL D 184 -25.09 -14.66 -30.60
C VAL D 184 -26.04 -13.58 -30.05
N MET D 185 -27.32 -13.90 -29.95
CA MET D 185 -28.35 -13.03 -29.38
C MET D 185 -28.98 -13.72 -28.18
N TPO D 186 -29.59 -12.95 -27.25
CA TPO D 186 -30.21 -13.53 -26.07
CB TPO D 186 -29.27 -13.90 -24.88
CG2 TPO D 186 -28.62 -12.61 -24.33
OG1 TPO D 186 -30.01 -14.54 -23.78
P TPO D 186 -29.80 -16.08 -23.62
O1P TPO D 186 -29.78 -16.39 -22.13
O2P TPO D 186 -31.03 -16.80 -24.17
O3P TPO D 186 -28.53 -16.61 -24.30
C TPO D 186 -31.40 -12.73 -25.57
O TPO D 186 -31.43 -11.50 -25.69
N SEP D 187 -32.38 -13.43 -24.99
CA SEP D 187 -33.58 -12.82 -24.41
CB SEP D 187 -34.73 -13.84 -24.40
OG SEP D 187 -34.26 -15.10 -23.84
C SEP D 187 -33.28 -12.35 -22.99
O SEP D 187 -33.80 -11.31 -22.57
P SEP D 187 -35.22 -16.26 -24.18
O1P SEP D 187 -36.65 -15.91 -23.62
O2P SEP D 187 -34.69 -17.53 -23.50
O3P SEP D 187 -35.29 -16.43 -25.72
N ARG D 188 -32.43 -13.10 -22.27
CA ARG D 188 -32.00 -12.78 -20.90
C ARG D 188 -30.80 -11.81 -20.96
N ILE D 189 -31.08 -10.49 -20.92
CA ILE D 189 -30.05 -9.45 -20.97
C ILE D 189 -29.51 -9.25 -19.57
N VAL D 190 -28.20 -9.53 -19.40
CA VAL D 190 -27.50 -9.43 -18.12
C VAL D 190 -26.21 -8.58 -18.21
N GLY D 191 -25.82 -7.99 -17.07
CA GLY D 191 -24.63 -7.14 -16.96
C GLY D 191 -24.97 -5.91 -16.13
N THR D 192 -24.08 -4.91 -16.13
CA THR D 192 -24.27 -3.67 -15.38
C THR D 192 -24.38 -2.51 -16.36
N THR D 193 -25.57 -1.93 -16.39
CA THR D 193 -26.03 -0.88 -17.31
C THR D 193 -24.99 0.18 -17.62
N ALA D 194 -24.40 0.80 -16.57
CA ALA D 194 -23.42 1.89 -16.67
C ALA D 194 -22.14 1.52 -17.39
N TYR D 195 -21.87 0.23 -17.50
CA TYR D 195 -20.67 -0.33 -18.13
C TYR D 195 -20.99 -1.03 -19.44
N MET D 196 -22.27 -1.25 -19.73
CA MET D 196 -22.69 -2.00 -20.93
C MET D 196 -22.58 -1.30 -22.26
N ALA D 197 -22.08 -2.03 -23.26
CA ALA D 197 -22.00 -1.62 -24.67
C ALA D 197 -23.43 -1.55 -25.24
N PRO D 198 -23.69 -0.65 -26.25
CA PRO D 198 -25.06 -0.55 -26.84
C PRO D 198 -25.60 -1.90 -27.34
N GLU D 199 -24.76 -2.72 -28.01
CA GLU D 199 -25.17 -4.04 -28.49
C GLU D 199 -25.52 -5.05 -27.41
N ALA D 200 -24.74 -5.06 -26.30
CA ALA D 200 -24.98 -5.97 -25.17
C ALA D 200 -26.30 -5.60 -24.50
N LEU D 201 -26.69 -4.32 -24.54
CA LEU D 201 -27.95 -3.83 -23.99
C LEU D 201 -29.14 -4.26 -24.90
N ARG D 202 -28.83 -4.60 -26.16
CA ARG D 202 -29.80 -5.09 -27.14
C ARG D 202 -29.94 -6.62 -27.15
N GLY D 203 -29.04 -7.33 -26.42
CA GLY D 203 -29.07 -8.79 -26.32
C GLY D 203 -27.93 -9.52 -27.01
N GLU D 204 -27.02 -8.78 -27.70
CA GLU D 204 -25.90 -9.42 -28.37
C GLU D 204 -24.88 -9.95 -27.38
N ILE D 205 -24.16 -11.01 -27.78
CA ILE D 205 -23.13 -11.66 -26.98
C ILE D 205 -21.86 -11.69 -27.83
N THR D 206 -20.90 -10.81 -27.51
CA THR D 206 -19.64 -10.64 -28.23
C THR D 206 -18.48 -10.20 -27.30
N PRO D 207 -17.23 -10.65 -27.54
CA PRO D 207 -16.10 -10.22 -26.71
C PRO D 207 -15.86 -8.71 -26.86
N LYS D 208 -16.42 -8.10 -27.92
CA LYS D 208 -16.33 -6.66 -28.20
C LYS D 208 -17.05 -5.85 -27.13
N SER D 209 -18.04 -6.45 -26.45
CA SER D 209 -18.77 -5.81 -25.36
C SER D 209 -17.87 -5.66 -24.12
N ASP D 210 -16.95 -6.63 -23.89
CA ASP D 210 -15.97 -6.65 -22.79
C ASP D 210 -14.97 -5.51 -22.95
N ILE D 211 -14.59 -5.17 -24.20
CA ILE D 211 -13.66 -4.07 -24.52
C ILE D 211 -14.28 -2.73 -24.13
N TYR D 212 -15.57 -2.54 -24.48
CA TYR D 212 -16.32 -1.34 -24.17
C TYR D 212 -16.40 -1.11 -22.64
N SER D 213 -16.75 -2.17 -21.88
CA SER D 213 -16.84 -2.16 -20.43
C SER D 213 -15.46 -1.81 -19.80
N PHE D 214 -14.38 -2.34 -20.39
CA PHE D 214 -13.02 -2.04 -19.95
C PHE D 214 -12.67 -0.56 -20.18
N GLY D 215 -13.26 0.06 -21.23
CA GLY D 215 -13.08 1.49 -21.53
C GLY D 215 -13.69 2.33 -20.41
N VAL D 216 -14.83 1.91 -19.85
CA VAL D 216 -15.49 2.59 -18.73
C VAL D 216 -14.59 2.49 -17.47
N VAL D 217 -13.95 1.29 -17.26
CA VAL D 217 -13.05 1.02 -16.14
C VAL D 217 -11.82 1.96 -16.23
N LEU D 218 -11.26 2.11 -17.44
CA LEU D 218 -10.14 3.04 -17.65
C LEU D 218 -10.52 4.48 -17.34
N LEU D 219 -11.78 4.90 -17.62
CA LEU D 219 -12.23 6.26 -17.29
C LEU D 219 -12.35 6.40 -15.79
N GLU D 220 -12.80 5.32 -15.10
CA GLU D 220 -12.91 5.28 -13.63
C GLU D 220 -11.49 5.44 -13.01
N ILE D 221 -10.49 4.74 -13.59
CA ILE D 221 -9.09 4.81 -13.16
C ILE D 221 -8.55 6.24 -13.31
N ILE D 222 -8.75 6.87 -14.49
CA ILE D 222 -8.27 8.25 -14.75
C ILE D 222 -8.91 9.30 -13.84
N THR D 223 -10.23 9.23 -13.69
CA THR D 223 -11.03 10.24 -12.98
C THR D 223 -11.28 9.96 -11.53
N GLY D 224 -11.26 8.69 -11.10
CA GLY D 224 -11.60 8.35 -9.74
C GLY D 224 -13.10 8.43 -9.47
N LEU D 225 -13.93 8.68 -10.52
CA LEU D 225 -15.40 8.80 -10.42
C LEU D 225 -16.09 7.47 -10.70
N PRO D 226 -17.18 7.12 -9.98
CA PRO D 226 -17.92 5.87 -10.27
C PRO D 226 -18.65 5.99 -11.63
N ALA D 227 -18.85 4.85 -12.35
CA ALA D 227 -19.48 4.78 -13.68
C ALA D 227 -20.86 5.42 -13.68
N VAL D 228 -21.56 5.24 -12.56
CA VAL D 228 -22.85 5.84 -12.34
C VAL D 228 -22.89 6.54 -10.97
N ASP D 229 -23.34 7.77 -10.94
CA ASP D 229 -23.56 8.53 -9.72
C ASP D 229 -24.88 9.27 -9.91
N GLU D 230 -25.90 8.87 -9.14
CA GLU D 230 -27.24 9.43 -9.23
C GLU D 230 -27.33 10.95 -8.97
N HIS D 231 -26.43 11.48 -8.12
CA HIS D 231 -26.38 12.91 -7.76
C HIS D 231 -25.34 13.71 -8.55
N ARG D 232 -24.89 13.17 -9.69
CA ARG D 232 -23.89 13.82 -10.54
C ARG D 232 -24.47 14.19 -11.89
N GLU D 233 -23.90 15.23 -12.50
CA GLU D 233 -24.27 15.70 -13.83
C GLU D 233 -23.01 15.70 -14.65
N PRO D 234 -22.86 14.73 -15.62
CA PRO D 234 -23.80 13.69 -16.00
C PRO D 234 -23.76 12.50 -15.04
N GLN D 235 -24.89 11.79 -14.91
CA GLN D 235 -25.00 10.61 -14.04
C GLN D 235 -24.06 9.48 -14.49
N LEU D 236 -23.93 9.28 -15.82
CA LEU D 236 -23.10 8.23 -16.40
C LEU D 236 -21.77 8.77 -16.86
N LEU D 237 -20.67 8.10 -16.42
CA LEU D 237 -19.29 8.47 -16.75
C LEU D 237 -19.03 8.47 -18.26
N LEU D 238 -19.71 7.58 -19.00
CA LEU D 238 -19.66 7.44 -20.47
C LEU D 238 -19.85 8.78 -21.17
N ASP D 239 -20.78 9.61 -20.64
CA ASP D 239 -21.12 10.92 -21.18
C ASP D 239 -19.95 11.93 -21.21
N ILE D 240 -18.98 11.83 -20.28
CA ILE D 240 -17.84 12.75 -20.23
C ILE D 240 -17.00 12.69 -21.51
N LYS D 241 -16.91 11.51 -22.15
CA LYS D 241 -16.21 11.31 -23.45
C LYS D 241 -16.84 12.23 -24.52
N GLU D 242 -18.16 12.45 -24.44
CA GLU D 242 -18.85 13.33 -25.38
C GLU D 242 -18.60 14.80 -25.05
N GLU D 243 -18.59 15.15 -23.74
CA GLU D 243 -18.28 16.51 -23.26
C GLU D 243 -16.87 16.91 -23.68
N ILE D 244 -15.93 15.96 -23.67
CA ILE D 244 -14.53 16.14 -24.06
C ILE D 244 -14.39 16.26 -25.59
N GLU D 245 -15.01 15.32 -26.35
CA GLU D 245 -15.02 15.29 -27.84
C GLU D 245 -15.64 16.57 -28.43
N ASP D 246 -16.72 17.08 -27.80
CA ASP D 246 -17.39 18.31 -28.21
C ASP D 246 -16.78 19.52 -27.48
N GLU D 247 -15.43 19.51 -27.36
CA GLU D 247 -14.47 20.46 -26.77
C GLU D 247 -14.94 21.44 -25.68
N GLU D 248 -15.95 21.05 -24.89
CA GLU D 248 -16.46 21.83 -23.77
C GLU D 248 -15.43 21.79 -22.62
N LYS D 249 -14.80 20.60 -22.46
CA LYS D 249 -13.80 20.28 -21.44
C LYS D 249 -12.71 19.36 -22.08
N THR D 250 -11.64 19.08 -21.33
CA THR D 250 -10.56 18.17 -21.70
C THR D 250 -10.42 17.06 -20.65
N ILE D 251 -9.62 16.02 -20.94
CA ILE D 251 -9.39 14.94 -19.97
C ILE D 251 -8.71 15.45 -18.70
N GLU D 252 -7.81 16.46 -18.88
CA GLU D 252 -7.08 17.14 -17.79
C GLU D 252 -8.00 17.71 -16.73
N ASP D 253 -9.19 18.20 -17.14
CA ASP D 253 -10.19 18.76 -16.22
C ASP D 253 -10.87 17.63 -15.41
N TYR D 254 -10.80 16.39 -15.89
CA TYR D 254 -11.42 15.24 -15.23
C TYR D 254 -10.48 14.35 -14.39
N ILE D 255 -9.14 14.47 -14.61
CA ILE D 255 -8.09 13.72 -13.89
C ILE D 255 -8.36 13.72 -12.38
N ASP D 256 -8.24 12.53 -11.78
CA ASP D 256 -8.41 12.39 -10.34
C ASP D 256 -7.36 13.28 -9.62
N LYS D 257 -7.85 14.17 -8.76
CA LYS D 257 -7.04 15.11 -7.97
C LYS D 257 -6.33 14.43 -6.78
N LYS D 258 -6.82 13.22 -6.40
CA LYS D 258 -6.24 12.42 -5.32
C LYS D 258 -4.95 11.68 -5.75
N MET D 259 -4.14 12.28 -6.64
CA MET D 259 -2.86 11.74 -7.08
C MET D 259 -1.84 12.81 -7.47
N ASN D 260 -0.59 12.67 -6.99
CA ASN D 260 0.51 13.63 -7.21
C ASN D 260 1.50 13.21 -8.34
N ASP D 261 1.52 11.91 -8.73
CA ASP D 261 2.42 11.30 -9.71
C ASP D 261 1.88 11.13 -11.12
N ALA D 262 0.76 11.78 -11.48
CA ALA D 262 0.20 11.62 -12.83
C ALA D 262 0.74 12.67 -13.78
N ASP D 263 1.21 12.25 -14.95
CA ASP D 263 1.68 13.19 -15.97
C ASP D 263 0.71 13.18 -17.15
N SER D 264 0.57 14.32 -17.83
CA SER D 264 -0.34 14.55 -18.97
C SER D 264 -0.16 13.54 -20.10
N THR D 265 1.09 13.16 -20.40
CA THR D 265 1.41 12.25 -21.48
C THR D 265 0.81 10.85 -21.28
N SER D 266 1.09 10.22 -20.13
CA SER D 266 0.54 8.89 -19.83
C SER D 266 -0.98 8.93 -19.58
N VAL D 267 -1.50 10.01 -18.99
CA VAL D 267 -2.95 10.16 -18.75
C VAL D 267 -3.69 10.22 -20.10
N GLU D 268 -3.19 11.09 -21.02
CA GLU D 268 -3.74 11.24 -22.36
C GLU D 268 -3.63 9.96 -23.17
N ALA D 269 -2.53 9.22 -22.98
CA ALA D 269 -2.32 7.93 -23.62
C ALA D 269 -3.36 6.91 -23.08
N MET D 270 -3.66 6.91 -21.76
CA MET D 270 -4.67 5.99 -21.23
C MET D 270 -6.06 6.39 -21.73
N TYR D 271 -6.34 7.72 -21.81
CA TYR D 271 -7.61 8.24 -22.29
C TYR D 271 -7.86 7.83 -23.75
N SER D 272 -6.84 7.88 -24.61
CA SER D 272 -6.93 7.49 -26.02
C SER D 272 -7.38 6.03 -26.13
N VAL D 273 -6.77 5.15 -25.35
CA VAL D 273 -7.13 3.72 -25.25
C VAL D 273 -8.61 3.60 -24.85
N ALA D 274 -9.03 4.33 -23.82
CA ALA D 274 -10.41 4.32 -23.33
C ALA D 274 -11.38 4.82 -24.38
N SER D 275 -11.00 5.86 -25.16
CA SER D 275 -11.83 6.44 -26.24
C SER D 275 -12.06 5.43 -27.34
N GLN D 276 -11.00 4.72 -27.75
CA GLN D 276 -11.01 3.65 -28.74
C GLN D 276 -11.90 2.50 -28.26
N CYS D 277 -11.81 2.16 -26.96
CA CYS D 277 -12.61 1.11 -26.35
C CYS D 277 -14.07 1.49 -26.37
N LEU D 278 -14.33 2.79 -26.22
CA LEU D 278 -15.69 3.34 -26.13
C LEU D 278 -16.44 3.66 -27.43
N HIS D 279 -15.89 3.26 -28.62
CA HIS D 279 -16.59 3.43 -29.90
C HIS D 279 -17.94 2.74 -29.76
N GLU D 280 -19.03 3.44 -30.11
CA GLU D 280 -20.37 2.85 -30.02
C GLU D 280 -20.57 1.73 -31.06
N LYS D 281 -19.77 1.76 -32.14
CA LYS D 281 -19.78 0.78 -33.21
C LYS D 281 -18.77 -0.33 -32.86
N LYS D 282 -19.30 -1.47 -32.37
CA LYS D 282 -18.53 -2.65 -31.94
C LYS D 282 -17.33 -3.07 -32.80
N ASN D 283 -17.43 -2.88 -34.12
CA ASN D 283 -16.37 -3.27 -35.06
C ASN D 283 -15.24 -2.25 -35.19
N LYS D 284 -15.47 -1.02 -34.68
CA LYS D 284 -14.47 0.05 -34.69
C LYS D 284 -13.50 -0.08 -33.51
N ARG D 285 -13.96 -0.70 -32.40
CA ARG D 285 -13.21 -0.94 -31.17
C ARG D 285 -12.00 -1.84 -31.42
N PRO D 286 -10.88 -1.64 -30.67
CA PRO D 286 -9.74 -2.53 -30.81
C PRO D 286 -10.03 -3.86 -30.09
N ASP D 287 -9.27 -4.90 -30.42
CA ASP D 287 -9.39 -6.18 -29.73
C ASP D 287 -8.48 -6.07 -28.48
N ILE D 288 -8.65 -6.99 -27.53
CA ILE D 288 -7.86 -6.99 -26.30
C ILE D 288 -6.34 -6.95 -26.47
N LYS D 289 -5.79 -7.66 -27.48
CA LYS D 289 -4.35 -7.66 -27.74
C LYS D 289 -3.81 -6.29 -28.13
N LYS D 290 -4.63 -5.48 -28.83
CA LYS D 290 -4.28 -4.10 -29.23
C LYS D 290 -4.34 -3.20 -27.97
N VAL D 291 -5.31 -3.47 -27.07
CA VAL D 291 -5.50 -2.74 -25.81
C VAL D 291 -4.26 -2.91 -24.92
N GLN D 292 -3.74 -4.16 -24.80
CA GLN D 292 -2.54 -4.50 -24.04
C GLN D 292 -1.34 -3.76 -24.59
N GLN D 293 -1.14 -3.84 -25.94
CA GLN D 293 -0.04 -3.18 -26.66
C GLN D 293 0.00 -1.70 -26.33
N LEU D 294 -1.16 -1.03 -26.47
CA LEU D 294 -1.33 0.40 -26.21
C LEU D 294 -1.01 0.76 -24.76
N LEU D 295 -1.50 -0.06 -23.79
CA LEU D 295 -1.27 0.16 -22.36
C LEU D 295 0.21 -0.06 -22.02
N GLN D 296 0.89 -1.00 -22.71
CA GLN D 296 2.31 -1.29 -22.51
C GLN D 296 3.19 -0.14 -23.03
N GLU D 297 2.83 0.45 -24.19
CA GLU D 297 3.53 1.58 -24.83
C GLU D 297 3.44 2.82 -23.94
N MET D 298 2.32 2.98 -23.22
CA MET D 298 2.01 4.09 -22.30
C MET D 298 3.07 4.21 -21.18
N THR D 299 3.58 3.06 -20.68
CA THR D 299 4.64 3.02 -19.66
C THR D 299 6.01 2.82 -20.37
N ALA D 300 6.25 3.60 -21.47
CA ALA D 300 7.44 3.59 -22.34
C ALA D 300 8.78 3.30 -21.64
N SER D 301 9.15 2.00 -21.59
CA SER D 301 10.38 1.51 -20.97
C01 4S1 E . -1.02 28.10 3.29
N02 4S1 E . -0.55 26.84 2.98
C03 4S1 E . 0.34 26.26 3.79
N04 4S1 E . 0.84 26.81 4.93
C05 4S1 E . 0.39 28.07 5.27
C06 4S1 E . -0.53 28.82 4.45
N07 4S1 E . -1.95 28.63 2.40
N08 4S1 E . 0.78 24.98 3.42
C09 4S1 E . -1.07 30.13 4.86
C10 4S1 E . -2.56 27.99 1.21
C11 4S1 E . -3.66 26.95 1.61
C12 4S1 E . -4.97 27.82 1.69
C13 4S1 E . -4.77 29.06 0.76
C14 4S1 E . -3.29 28.98 0.28
O15 4S1 E . -3.77 25.92 0.62
O16 4S1 E . -6.19 27.14 1.46
C17 4S1 E . -5.06 30.41 1.50
O18 4S1 E . -4.99 31.51 0.60
C19 4S1 E . 0.33 24.18 2.25
C20 4S1 E . 1.17 22.91 2.03
C21 4S1 E . 0.77 22.19 0.74
S22 4S1 E . -0.69 30.78 6.46
C23 4S1 E . -1.80 32.09 6.18
C24 4S1 E . -2.41 31.96 4.91
N25 4S1 E . -2.02 30.83 4.20
C26 4S1 E . -2.11 33.16 7.03
C27 4S1 E . -3.04 34.17 6.63
C28 4S1 E . -3.66 34.09 5.34
C29 4S1 E . -3.36 32.97 4.49
C01 4S1 F . 14.44 -17.56 -18.22
N02 4S1 F . 13.79 -16.48 -17.65
C03 4S1 F . 12.57 -16.18 -18.07
N04 4S1 F . 11.87 -16.87 -19.02
C05 4S1 F . 12.48 -17.97 -19.63
C06 4S1 F . 13.84 -18.34 -19.31
N07 4S1 F . 15.70 -17.79 -17.74
N08 4S1 F . 11.97 -15.08 -17.47
C09 4S1 F . 14.49 -19.56 -19.85
C10 4S1 F . 16.42 -17.07 -16.65
C11 4S1 F . 15.92 -17.49 -15.22
C12 4S1 F . 16.80 -18.75 -14.90
C13 4S1 F . 18.11 -18.61 -15.73
C14 4S1 F . 17.93 -17.37 -16.65
O15 4S1 F . 16.06 -16.45 -14.24
O16 4S1 F . 17.16 -18.97 -13.55
C17 4S1 F . 18.41 -19.88 -16.54
O18 4S1 F . 19.76 -19.74 -16.98
C19 4S1 F . 12.54 -14.04 -16.59
C20 4S1 F . 11.45 -12.99 -16.29
C21 4S1 F . 11.93 -11.79 -15.48
S22 4S1 F . 13.53 -20.82 -20.71
C23 4S1 F . 14.96 -21.83 -20.74
C24 4S1 F . 16.06 -21.17 -20.10
N25 4S1 F . 15.77 -19.91 -19.57
C26 4S1 F . 15.10 -23.10 -21.31
C27 4S1 F . 16.36 -23.75 -21.26
C28 4S1 F . 17.49 -23.13 -20.63
C29 4S1 F . 17.33 -21.84 -20.04
C01 4S1 G . 1.36 -2.08 17.37
N02 4S1 G . 0.88 -2.70 16.25
C03 4S1 G . -0.11 -2.17 15.56
N04 4S1 G . -0.74 -0.99 15.89
C05 4S1 G . -0.30 -0.33 17.00
C06 4S1 G . 0.72 -0.86 17.86
N07 4S1 G . 2.39 -2.77 17.94
N08 4S1 G . -0.49 -2.93 14.46
C09 4S1 G . 1.27 -0.08 18.96
C10 4S1 G . 2.94 -4.07 17.38
C11 4S1 G . 3.98 -3.88 16.24
C12 4S1 G . 5.27 -3.50 17.05
C13 4S1 G . 5.13 -4.22 18.41
C14 4S1 G . 3.72 -4.87 18.41
O15 4S1 G . 4.14 -5.07 15.46
O16 4S1 G . 6.54 -3.80 16.50
C17 4S1 G . 5.34 -3.27 19.62
O18 4S1 G . 5.22 -4.01 20.82
C19 4S1 G . 0.03 -4.21 13.95
C20 4S1 G . -0.83 -4.65 12.75
C21 4S1 G . -0.07 -5.45 11.65
S22 4S1 G . 0.88 1.65 19.08
C23 4S1 G . 2.05 1.77 20.38
C24 4S1 G . 2.67 0.51 20.65
N25 4S1 G . 2.26 -0.52 19.78
C26 4S1 G . 2.41 2.89 21.15
C27 4S1 G . 3.37 2.81 22.20
C28 4S1 G . 3.96 1.55 22.50
C29 4S1 G . 3.64 0.41 21.71
C01 4S1 H . -14.18 -10.27 -2.63
N02 4S1 H . -13.56 -9.48 -1.72
C03 4S1 H . -12.37 -9.85 -1.22
N04 4S1 H . -11.69 -11.01 -1.60
C05 4S1 H . -12.25 -11.84 -2.54
C06 4S1 H . -13.58 -11.54 -3.07
N07 4S1 H . -15.40 -9.79 -3.06
N08 4S1 H . -11.83 -8.99 -0.26
C09 4S1 H . -14.21 -12.34 -4.15
C10 4S1 H . -16.09 -8.56 -2.63
C11 4S1 H . -15.53 -7.35 -3.37
C12 4S1 H . -16.37 -7.32 -4.68
C13 4S1 H . -17.73 -7.97 -4.38
C14 4S1 H . -17.61 -8.52 -2.95
O15 4S1 H . -15.74 -6.17 -2.60
O16 4S1 H . -16.52 -6.07 -5.31
C17 4S1 H . -17.98 -9.08 -5.40
O18 4S1 H . -19.28 -9.53 -5.15
C19 4S1 H . -12.37 -7.77 0.37
C20 4S1 H . -11.35 -7.26 1.43
C21 4S1 H . -11.67 -5.88 2.02
S22 4S1 H . -13.25 -13.52 -5.01
C23 4S1 H . -14.57 -13.81 -6.10
C24 4S1 H . -15.65 -12.96 -5.78
N25 4S1 H . -15.42 -12.09 -4.69
C26 4S1 H . -14.64 -14.69 -7.18
C27 4S1 H . -15.82 -14.79 -7.99
C28 4S1 H . -16.93 -13.97 -7.64
C29 4S1 H . -16.85 -13.04 -6.57
#